data_9QED
#
_entry.id   9QED
#
_cell.length_a   1.00
_cell.length_b   1.00
_cell.length_c   1.00
_cell.angle_alpha   90.00
_cell.angle_beta   90.00
_cell.angle_gamma   90.00
#
_symmetry.space_group_name_H-M   'P 1'
#
loop_
_entity.id
_entity.type
_entity.pdbx_description
1 polymer 'Protein SLX4IP'
2 polymer 'DNA repair endonuclease XPF'
3 polymer 'DNA excision repair protein ERCC-1'
4 polymer 'Structure-specific endonuclease subunit SLX4'
#
loop_
_entity_poly.entity_id
_entity_poly.type
_entity_poly.pdbx_seq_one_letter_code
_entity_poly.pdbx_strand_id
1 'polypeptide(L)'
;MASKKFAVKCGNFAVLVDLHILPQGSNKDTSWFSEQKKEEVCLLLKETIDSRVQEYLEVRKQHRPSNAEFTRSNPLSLKG
YGFQITAYFLKRGIRLRCIRSTQNAELCVFPDRFVVCVSQLAFSRDLLASQNEDLTERVLHGVSDYFAECAESSLPPSAK
LRRNALKEIVKRTETKSSVTSKSQTRRDTVETSSDSVIAEIARRRNDGQASSSPPSESMGQAKDSIKAAESHWGLPVQKL
EKVNQTQPEDTSGQQKPHPGERLKTGLLSRSPVCSCESASPCPKQSPRVAKTQQKRRNCSSAEDFDHHGRVSLGSDRLVP
REIIVEKSKAVRVLPASELSDPGLLLKQDLAKTTSKEELHVLESLSSRHLMKNNPGQAQQTGLATNTERLSTIQNSPTKK
RKKYERGH
;
C
2 'polypeptide(L)'
;MGSSHHHHHHENLYFQSNAMESGQPARRIAMAPLLEYERQLVLELLDTDGLVVCARGLGADRLLYHFLQLHCHPACLVLV
LNTQPAEEEYFINQLKIEGVEHLPRRVTNEITSNSRYEVYTQGGVIFATSRILVVDFLTDRIPSDLITGILVYRAHRIIE
SCQEAFILRLFRQKNKRGFIKAFTDNAVAFDTGFCHVERVMRNLFVRKLYLWPRFHVAVNSFLEQHKPEVVEIHVSMTPT
MLAIQTAILDILNACLKELKCHNPSLEVEDLSLENAIGKPFDKTIRHYLDPLWHQLGAKTKSLVQDLKILRTLLQYLSQY
DCVTFLNLLESLRATEKAFGQNSGWLFLDSSTSMFINARARVYHLPDAKMSKKEKISEKMEIKEGEETKKELVLESNPKW
EALTEVLKEIEAENKESEALGGPGQVLICASDDRTCSQLRDYITLGAEAFLLRLYRKTFEKDSKAEEVWMKFRKEDSSKR
IRKSHKRPKDPQNKERASTKERTLKKKKRKLTLTQMVGKPEELEEEGDVEEGYRREISSSPESCPEEIKHEEFDVNLSSD
AAFGILKEPLTIIHPLLGCSDPYALTRVLHEVEPRYVVLYDAELTFVRQLEIYRASRPGKPLRVYFLIYGGSTEEQRYLT
ALRKEKEAFEKLIREKASMVVPEEREGRDETNLDLVRGTASADVSTDTRKAGGQEQNGTQQSIVVDMREFRSELPSLIHR
RGIDIEPVTLEVGDYILTPEMCVERKSISDLIGSLNNGRLYSQCISMSRYYKRPVLLIEFDPSKPFSLTSRGALFQEISS
NDISSKLTLLTLHFPRLRILWCPSPHATAELFEELKQSKPQPDAATALAITADSETLPESEKYNPGPQDFLLKMPGVNAK
NCRSLMHHVKNIAELAALSQDELTSILGNAANAKQLYDFIHTSFAEVVSKGKGKK
;
A
3 'polypeptide(L)'
;MDPGKDKEGVPQPSGPPARKKFVIPLDEDEVPPGVAKPLFRSTQSLPTVDTSAQAAPQTYAEYAISQPLEGAGATCPTGS
EPLAGETPNQALKPGAKSNSIIVSPRQRGNPVLKFVRNVPWEFGDVIPDYVLGQSTCALFLSLRYHNLHPDYIHGRLQSL
GKNFALRVLLVQVDVKDPQQALKELAKMCILADCTLILAWSPEEAGRYLETYKAYEQKPADLLMEKLEQDFVSRVTECLT
TVKSVNKTDSQTLLTTFGSLEQLIAASREDLALCPGLGPQKARRLFDVLHEPFLKVP
;
B
4 'polypeptide(L)'
;MASWSHPQFEKGGGSGGGSGGGSWSHPQFEKSGGGSENLYFQSNAVPQIPECPICGKPFLTLKSRTSHLKQCAVKMEVGP
QLLLQAVRLQTAQPEGSSSPPMFSFSDHSRGLKRRGPTSKKEPRKRRKVDEAPSEDLLVAMALSRSEMEPGAAVPALRLE
SAFSERIRPEAENKSRKKKPPVSPPLLLVQDSETTGRQIEDRVALLLSEEVELSSTPPLPASRILKEGWERAGQCPPPPE
RKQSFLWEGSALTGAWAMEDFYTARLVPPLV
;
D
#
# COMPACT_ATOMS: atom_id res chain seq x y z
N ALA A 2 30.68 0.35 32.37
CA ALA A 2 31.25 1.11 31.27
C ALA A 2 30.29 2.21 30.82
N SER A 3 30.06 2.29 29.52
CA SER A 3 29.18 3.31 28.94
C SER A 3 28.09 2.59 28.14
N LYS A 4 26.89 2.54 28.70
CA LYS A 4 25.72 2.03 28.01
C LYS A 4 24.72 3.16 27.83
N LYS A 5 23.94 3.07 26.75
CA LYS A 5 22.92 4.07 26.49
C LYS A 5 21.93 4.10 27.65
N PHE A 6 21.93 5.19 28.41
CA PHE A 6 21.12 5.29 29.61
C PHE A 6 19.87 6.13 29.32
N ALA A 7 19.10 6.40 30.38
CA ALA A 7 17.88 7.18 30.29
C ALA A 7 17.85 8.22 31.38
N VAL A 8 17.26 9.36 31.07
CA VAL A 8 17.15 10.48 31.99
C VAL A 8 15.68 10.87 32.09
N LYS A 9 15.19 11.08 33.30
CA LYS A 9 13.83 11.53 33.51
C LYS A 9 13.81 13.04 33.71
N CYS A 10 12.81 13.69 33.11
CA CYS A 10 12.66 15.14 33.21
C CYS A 10 11.17 15.43 33.21
N GLY A 11 10.60 15.57 34.40
CA GLY A 11 9.16 15.81 34.48
C GLY A 11 8.38 14.55 34.16
N ASN A 12 7.32 14.72 33.39
CA ASN A 12 6.45 13.60 33.03
C ASN A 12 7.08 12.68 31.99
N PHE A 13 8.10 13.13 31.28
CA PHE A 13 8.72 12.36 30.22
C PHE A 13 10.02 11.71 30.69
N ALA A 14 10.48 10.75 29.92
CA ALA A 14 11.81 10.16 30.07
C ALA A 14 12.50 10.22 28.71
N VAL A 15 13.66 10.85 28.66
CA VAL A 15 14.41 10.97 27.41
C VAL A 15 15.41 9.82 27.32
N LEU A 16 15.38 9.11 26.19
CA LEU A 16 16.29 8.01 25.94
C LEU A 16 17.51 8.56 25.23
N VAL A 17 18.55 8.89 26.01
CA VAL A 17 19.76 9.43 25.43
C VAL A 17 20.49 8.32 24.67
N ASP A 18 21.30 8.74 23.71
CA ASP A 18 22.06 7.82 22.85
C ASP A 18 23.52 8.18 23.01
N LEU A 19 24.16 7.62 24.04
CA LEU A 19 25.55 7.93 24.31
C LEU A 19 26.47 7.28 23.28
N HIS A 20 27.42 8.06 22.78
CA HIS A 20 28.38 7.60 21.78
C HIS A 20 29.76 8.03 22.23
N ILE A 21 30.60 7.06 22.59
CA ILE A 21 31.97 7.34 23.00
C ILE A 21 32.86 7.23 21.77
N LEU A 22 33.55 8.32 21.45
CA LEU A 22 34.45 8.31 20.31
C LEU A 22 35.67 7.42 20.60
N PRO A 23 36.29 6.85 19.57
CA PRO A 23 37.46 6.00 19.81
C PRO A 23 38.61 6.80 20.42
N GLN A 24 39.37 6.13 21.29
CA GLN A 24 40.52 6.74 21.96
C GLN A 24 41.77 6.39 21.15
N GLY A 25 42.06 7.22 20.15
CA GLY A 25 43.23 6.99 19.33
C GLY A 25 43.12 5.70 18.53
N SER A 26 44.28 5.23 18.07
CA SER A 26 44.33 3.95 17.37
C SER A 26 43.91 2.81 18.28
N ASN A 27 44.41 2.81 19.53
CA ASN A 27 44.06 1.79 20.51
C ASN A 27 42.90 2.33 21.36
N LYS A 28 41.69 2.18 20.82
CA LYS A 28 40.51 2.70 21.50
C LYS A 28 40.33 2.03 22.85
N ASP A 29 40.06 2.83 23.87
CA ASP A 29 39.82 2.36 25.23
C ASP A 29 38.55 3.04 25.74
N THR A 30 37.40 2.43 25.46
CA THR A 30 36.12 2.97 25.89
C THR A 30 35.97 2.97 27.41
N SER A 31 36.83 2.23 28.13
CA SER A 31 36.78 2.19 29.58
C SER A 31 37.16 3.52 30.23
N TRP A 32 37.72 4.46 29.46
CA TRP A 32 38.04 5.77 30.02
C TRP A 32 36.81 6.48 30.54
N PHE A 33 35.64 6.19 29.99
CA PHE A 33 34.38 6.76 30.45
C PHE A 33 33.91 5.95 31.65
N SER A 34 34.29 6.40 32.83
CA SER A 34 33.98 5.70 34.07
C SER A 34 32.54 6.00 34.50
N GLU A 35 32.14 5.39 35.63
CA GLU A 35 30.83 5.67 36.19
C GLU A 35 30.70 7.12 36.61
N GLN A 36 31.77 7.70 37.16
CA GLN A 36 31.75 9.10 37.54
C GLN A 36 31.55 9.99 36.32
N LYS A 37 32.26 9.70 35.23
CA LYS A 37 32.16 10.51 34.03
C LYS A 37 30.76 10.52 33.44
N LYS A 38 29.94 9.53 33.79
CA LYS A 38 28.55 9.50 33.33
C LYS A 38 27.69 10.48 34.10
N GLU A 39 28.06 10.81 35.34
CA GLU A 39 27.16 11.57 36.21
C GLU A 39 27.07 13.04 35.83
N GLU A 40 28.17 13.65 35.39
CA GLU A 40 28.12 15.07 35.03
C GLU A 40 27.57 15.32 33.64
N VAL A 41 27.36 14.29 32.84
CA VAL A 41 26.78 14.49 31.51
C VAL A 41 25.35 15.03 31.63
N CYS A 42 24.57 14.48 32.55
CA CYS A 42 23.19 14.93 32.70
C CYS A 42 23.12 16.35 33.23
N LEU A 43 23.89 16.66 34.29
CA LEU A 43 23.82 18.00 34.87
C LEU A 43 24.37 19.05 33.93
N LEU A 44 25.38 18.71 33.13
CA LEU A 44 25.85 19.64 32.10
C LEU A 44 24.76 19.92 31.08
N LEU A 45 23.96 18.90 30.76
CA LEU A 45 22.90 19.01 29.78
C LEU A 45 21.52 19.18 30.41
N LYS A 46 21.46 19.46 31.71
CA LYS A 46 20.18 19.55 32.40
C LYS A 46 19.32 20.65 31.81
N GLU A 47 19.91 21.82 31.51
CA GLU A 47 19.15 22.89 30.91
C GLU A 47 18.80 22.58 29.46
N THR A 48 19.63 21.80 28.77
CA THR A 48 19.37 21.49 27.36
C THR A 48 18.13 20.63 27.21
N ILE A 49 18.01 19.56 28.00
CA ILE A 49 16.84 18.71 27.94
C ILE A 49 15.61 19.46 28.43
N ASP A 50 15.75 20.23 29.51
CA ASP A 50 14.62 20.99 30.04
C ASP A 50 14.13 22.02 29.04
N SER A 51 15.05 22.72 28.38
CA SER A 51 14.67 23.68 27.35
C SER A 51 14.14 23.01 26.10
N ARG A 52 14.32 21.70 25.96
CA ARG A 52 13.77 20.95 24.82
C ARG A 52 12.44 20.30 25.13
N VAL A 53 12.19 19.97 26.40
CA VAL A 53 10.90 19.42 26.78
C VAL A 53 9.87 20.52 26.99
N GLN A 54 10.30 21.67 27.50
CA GLN A 54 9.36 22.75 27.83
C GLN A 54 8.59 23.21 26.60
N GLU A 55 9.29 23.54 25.52
CA GLU A 55 8.59 24.02 24.34
C GLU A 55 7.84 22.92 23.60
N TYR A 56 8.11 21.66 23.91
CA TYR A 56 7.33 20.58 23.32
C TYR A 56 5.93 20.50 23.93
N LEU A 57 5.72 21.04 25.12
CA LEU A 57 4.42 20.95 25.78
C LEU A 57 3.46 22.02 25.29
N GLU A 58 3.90 23.28 25.23
CA GLU A 58 2.98 24.35 24.86
C GLU A 58 2.63 24.35 23.38
N VAL A 59 3.45 23.72 22.54
CA VAL A 59 3.06 23.57 21.14
C VAL A 59 1.87 22.64 21.01
N ARG A 60 1.80 21.62 21.87
CA ARG A 60 0.58 20.82 21.96
C ARG A 60 -0.58 21.67 22.49
N LYS A 61 -0.29 22.56 23.44
CA LYS A 61 -1.30 23.52 23.87
C LYS A 61 -1.61 24.52 22.77
N GLN A 62 -0.64 24.77 21.88
CA GLN A 62 -0.91 25.54 20.66
C GLN A 62 -1.66 24.72 19.61
N HIS A 63 -1.78 23.41 19.82
CA HIS A 63 -2.61 22.53 18.98
C HIS A 63 -2.13 22.52 17.52
N ARG A 64 -0.83 22.67 17.30
CA ARG A 64 -0.28 22.64 15.96
C ARG A 64 1.00 21.82 15.96
N PRO A 65 1.34 21.20 14.83
CA PRO A 65 2.60 20.44 14.75
C PRO A 65 3.81 21.32 14.99
N SER A 66 4.85 20.74 15.57
CA SER A 66 6.00 21.49 16.04
C SER A 66 7.29 20.89 15.50
N ASN A 67 8.28 21.76 15.30
CA ASN A 67 9.63 21.36 14.97
C ASN A 67 10.53 21.60 16.18
N ALA A 68 11.64 20.87 16.22
CA ALA A 68 12.52 20.93 17.38
C ALA A 68 13.18 22.29 17.53
N GLU A 69 13.45 22.97 16.41
CA GLU A 69 14.21 24.22 16.37
C GLU A 69 15.62 24.03 16.93
N PHE A 70 16.05 22.78 17.10
CA PHE A 70 17.38 22.43 17.59
C PHE A 70 17.73 21.11 16.91
N THR A 71 18.43 21.21 15.77
CA THR A 71 18.49 20.08 14.85
C THR A 71 19.92 19.69 14.49
N ARG A 72 20.05 18.83 13.48
CA ARG A 72 21.35 18.34 13.06
C ARG A 72 22.26 19.49 12.63
N SER A 73 21.74 20.43 11.85
CA SER A 73 22.55 21.55 11.38
C SER A 73 22.97 22.48 12.50
N ASN A 74 22.33 22.40 13.65
CA ASN A 74 22.64 23.26 14.81
C ASN A 74 22.91 22.36 16.00
N PRO A 75 24.12 21.83 16.13
CA PRO A 75 24.46 21.00 17.28
C PRO A 75 24.70 21.84 18.53
N LEU A 76 24.75 21.15 19.66
CA LEU A 76 25.11 21.75 20.94
C LEU A 76 26.53 21.33 21.29
N SER A 77 27.43 22.29 21.36
CA SER A 77 28.85 22.03 21.64
C SER A 77 29.16 22.60 23.01
N LEU A 78 28.95 21.78 24.05
CA LEU A 78 29.21 22.16 25.42
C LEU A 78 30.54 21.58 25.88
N LYS A 79 31.32 22.40 26.58
CA LYS A 79 32.61 21.96 27.09
C LYS A 79 32.39 21.10 28.33
N GLY A 80 33.47 20.75 29.02
CA GLY A 80 33.35 19.92 30.20
C GLY A 80 34.62 19.81 31.00
N TYR A 81 34.92 18.60 31.49
CA TYR A 81 36.07 18.34 32.35
C TYR A 81 36.84 17.18 31.74
N GLY A 82 37.73 17.49 30.80
CA GLY A 82 38.50 16.47 30.12
C GLY A 82 37.74 15.69 29.07
N PHE A 83 36.58 16.18 28.64
CA PHE A 83 35.80 15.48 27.61
C PHE A 83 34.95 16.48 26.85
N GLN A 84 34.49 16.05 25.68
CA GLN A 84 33.67 16.85 24.78
C GLN A 84 32.22 16.41 24.83
N ILE A 85 31.35 17.25 24.28
CA ILE A 85 29.92 16.96 24.21
C ILE A 85 29.39 17.54 22.90
N THR A 86 28.62 16.74 22.17
CA THR A 86 27.96 17.19 20.95
C THR A 86 26.60 16.52 20.88
N ALA A 87 25.53 17.32 20.90
CA ALA A 87 24.18 16.81 21.04
C ALA A 87 23.25 17.40 19.99
N TYR A 88 22.42 16.55 19.40
CA TYR A 88 21.37 16.95 18.48
C TYR A 88 20.02 16.53 19.07
N PHE A 89 18.97 16.66 18.27
CA PHE A 89 17.66 16.16 18.66
C PHE A 89 16.95 15.68 17.40
N LEU A 90 16.94 14.37 17.20
CA LEU A 90 16.43 13.75 15.97
C LEU A 90 15.06 13.14 16.24
N LYS A 91 14.16 13.28 15.27
CA LYS A 91 12.88 12.58 15.35
C LYS A 91 13.12 11.08 15.31
N ARG A 92 12.39 10.34 16.13
CA ARG A 92 12.55 8.90 16.19
C ARG A 92 11.61 8.18 15.22
N GLY A 93 10.33 8.52 15.25
CA GLY A 93 9.35 7.94 14.36
C GLY A 93 8.65 6.71 14.85
N ILE A 94 9.08 6.14 15.97
CA ILE A 94 8.45 4.96 16.56
C ILE A 94 7.81 5.37 17.89
N ARG A 95 6.61 4.85 18.14
CA ARG A 95 5.88 5.15 19.37
C ARG A 95 6.31 4.19 20.46
N LEU A 96 7.44 4.48 21.08
CA LEU A 96 7.92 3.69 22.20
C LEU A 96 7.14 4.03 23.46
N ARG A 97 6.89 3.02 24.28
CA ARG A 97 6.21 3.19 25.56
C ARG A 97 7.06 2.54 26.64
N CYS A 98 7.15 3.19 27.80
CA CYS A 98 8.02 2.76 28.87
C CYS A 98 7.24 2.64 30.16
N ILE A 99 7.60 1.64 30.97
CA ILE A 99 7.03 1.46 32.30
C ILE A 99 8.15 1.12 33.27
N ARG A 100 8.19 1.81 34.40
CA ARG A 100 9.16 1.55 35.45
C ARG A 100 8.72 0.30 36.21
N SER A 101 9.33 -0.83 35.88
CA SER A 101 8.86 -2.12 36.40
C SER A 101 8.97 -2.20 37.92
N THR A 102 9.94 -1.49 38.50
CA THR A 102 10.11 -1.55 39.95
C THR A 102 8.91 -0.98 40.68
N GLN A 103 8.37 0.15 40.20
CA GLN A 103 7.18 0.75 40.77
C GLN A 103 5.91 0.42 39.99
N ASN A 104 6.03 -0.23 38.83
CA ASN A 104 4.89 -0.53 37.95
C ASN A 104 4.11 0.74 37.63
N ALA A 105 4.84 1.82 37.36
CA ALA A 105 4.24 3.11 37.03
C ALA A 105 4.61 3.50 35.61
N GLU A 106 3.64 4.04 34.89
CA GLU A 106 3.84 4.45 33.51
C GLU A 106 4.77 5.68 33.44
N LEU A 107 5.37 5.85 32.27
CA LEU A 107 6.24 7.00 32.02
C LEU A 107 6.29 7.23 30.53
N CYS A 108 5.89 8.43 30.08
CA CYS A 108 5.91 8.72 28.67
C CYS A 108 7.34 8.81 28.15
N VAL A 109 7.53 8.39 26.89
CA VAL A 109 8.82 8.45 26.23
C VAL A 109 8.84 9.69 25.33
N PHE A 110 9.86 10.52 25.49
CA PHE A 110 9.98 11.70 24.67
C PHE A 110 10.15 11.30 23.21
N PRO A 111 9.30 11.79 22.30
CA PRO A 111 9.37 11.32 20.91
C PRO A 111 10.65 11.70 20.19
N ASP A 112 11.41 12.67 20.69
CA ASP A 112 12.63 13.10 20.05
C ASP A 112 13.80 12.28 20.56
N ARG A 113 14.51 11.61 19.66
CA ARG A 113 15.69 10.86 20.04
C ARG A 113 16.82 11.81 20.40
N PHE A 114 17.45 11.57 21.55
CA PHE A 114 18.54 12.41 22.03
C PHE A 114 19.85 11.65 21.85
N VAL A 115 20.78 12.22 21.11
CA VAL A 115 22.07 11.60 20.84
C VAL A 115 23.17 12.56 21.26
N VAL A 116 24.10 12.08 22.08
CA VAL A 116 25.24 12.86 22.52
C VAL A 116 26.51 12.07 22.25
N CYS A 117 27.51 12.74 21.69
CA CYS A 117 28.81 12.14 21.40
C CYS A 117 29.87 12.82 22.25
N VAL A 118 30.74 12.00 22.86
CA VAL A 118 31.79 12.50 23.73
C VAL A 118 33.13 11.98 23.23
N SER A 119 34.18 12.73 23.57
CA SER A 119 35.54 12.34 23.23
C SER A 119 36.49 12.98 24.22
N GLN A 120 37.68 12.41 24.32
CA GLN A 120 38.68 12.92 25.25
C GLN A 120 39.14 14.31 24.84
N LEU A 121 39.17 15.23 25.79
CA LEU A 121 39.68 16.56 25.51
C LEU A 121 41.20 16.54 25.42
N ALA A 122 41.75 17.49 24.67
CA ALA A 122 43.20 17.58 24.48
C ALA A 122 43.87 18.07 25.75
N PRO B 33 32.44 -1.34 10.67
CA PRO B 33 32.61 -2.60 11.41
C PRO B 33 32.29 -3.83 10.55
N LEU B 34 31.06 -3.93 10.08
CA LEU B 34 30.62 -5.03 9.23
C LEU B 34 30.77 -6.37 9.96
N LEU B 35 31.00 -7.44 9.20
CA LEU B 35 31.16 -8.77 9.77
C LEU B 35 32.16 -9.53 8.90
N GLU B 36 32.21 -10.85 9.08
CA GLU B 36 33.09 -11.65 8.24
C GLU B 36 32.42 -12.01 6.92
N TYR B 37 31.30 -12.74 6.99
CA TYR B 37 30.58 -13.10 5.77
C TYR B 37 30.06 -11.86 5.06
N GLU B 38 29.65 -10.84 5.81
CA GLU B 38 29.21 -9.61 5.18
C GLU B 38 30.34 -8.95 4.41
N ARG B 39 31.57 -8.99 4.93
CA ARG B 39 32.69 -8.42 4.22
C ARG B 39 33.07 -9.25 3.00
N GLN B 40 32.90 -10.57 3.07
CA GLN B 40 33.07 -11.40 1.88
C GLN B 40 32.07 -11.01 0.80
N LEU B 41 30.80 -10.83 1.20
CA LEU B 41 29.77 -10.39 0.26
C LEU B 41 30.11 -9.04 -0.34
N VAL B 42 30.59 -8.12 0.48
CA VAL B 42 30.94 -6.78 0.00
C VAL B 42 32.07 -6.84 -1.01
N LEU B 43 33.08 -7.67 -0.74
CA LEU B 43 34.16 -7.83 -1.71
C LEU B 43 33.64 -8.40 -3.03
N GLU B 44 32.78 -9.41 -2.96
CA GLU B 44 32.22 -10.00 -4.17
C GLU B 44 31.44 -8.97 -4.97
N LEU B 45 30.71 -8.08 -4.29
CA LEU B 45 29.95 -7.08 -5.00
C LEU B 45 30.83 -5.95 -5.54
N LEU B 46 31.91 -5.62 -4.83
CA LEU B 46 32.92 -4.72 -5.39
C LEU B 46 33.60 -5.31 -6.61
N ASP B 47 33.55 -6.62 -6.77
CA ASP B 47 33.92 -7.24 -8.03
C ASP B 47 32.79 -7.05 -9.02
N THR B 48 32.80 -7.82 -10.12
CA THR B 48 31.77 -7.74 -11.15
C THR B 48 30.39 -7.54 -10.55
N ASP B 49 29.66 -6.55 -11.05
CA ASP B 49 28.40 -6.14 -10.48
C ASP B 49 27.34 -7.23 -10.61
N GLY B 50 26.37 -7.20 -9.71
CA GLY B 50 25.30 -8.16 -9.73
C GLY B 50 24.22 -7.78 -8.76
N LEU B 51 23.34 -8.73 -8.47
CA LEU B 51 22.27 -8.52 -7.50
C LEU B 51 22.39 -9.54 -6.40
N VAL B 52 22.11 -9.12 -5.17
CA VAL B 52 22.31 -9.93 -3.98
C VAL B 52 20.96 -10.25 -3.37
N VAL B 53 20.69 -11.52 -3.14
CA VAL B 53 19.48 -11.96 -2.46
C VAL B 53 19.90 -12.52 -1.11
N CYS B 54 19.50 -11.85 -0.04
CA CYS B 54 19.79 -12.28 1.32
C CYS B 54 18.55 -12.93 1.93
N ALA B 55 18.78 -13.62 3.05
CA ALA B 55 17.66 -14.12 3.84
C ALA B 55 16.93 -12.96 4.49
N ARG B 56 15.65 -13.17 4.80
CA ARG B 56 14.83 -12.10 5.38
C ARG B 56 15.44 -11.60 6.68
N GLY B 57 15.89 -10.35 6.68
CA GLY B 57 16.42 -9.74 7.87
C GLY B 57 17.91 -9.90 8.11
N LEU B 58 18.66 -10.34 7.11
CA LEU B 58 20.10 -10.52 7.27
C LEU B 58 20.88 -9.26 6.94
N GLY B 59 20.45 -8.14 7.51
CA GLY B 59 21.18 -6.89 7.40
C GLY B 59 21.40 -6.35 6.00
N ALA B 60 20.37 -6.36 5.16
CA ALA B 60 20.49 -5.72 3.84
C ALA B 60 20.69 -4.22 3.99
N ASP B 61 20.05 -3.61 4.99
CA ASP B 61 20.28 -2.20 5.26
C ASP B 61 21.73 -1.94 5.62
N ARG B 62 22.39 -2.90 6.27
CA ARG B 62 23.82 -2.73 6.57
C ARG B 62 24.66 -2.68 5.31
N LEU B 63 24.36 -3.54 4.33
CA LEU B 63 25.09 -3.51 3.06
C LEU B 63 24.82 -2.21 2.31
N LEU B 64 23.56 -1.78 2.27
CA LEU B 64 23.26 -0.51 1.62
C LEU B 64 23.99 0.64 2.29
N TYR B 65 24.05 0.63 3.63
CA TYR B 65 24.75 1.69 4.34
C TYR B 65 26.24 1.62 4.08
N HIS B 66 26.80 0.42 3.94
CA HIS B 66 28.21 0.31 3.60
C HIS B 66 28.51 0.95 2.25
N PHE B 67 27.67 0.68 1.26
CA PHE B 67 27.90 1.28 -0.05
C PHE B 67 27.68 2.78 -0.03
N LEU B 68 26.70 3.25 0.75
CA LEU B 68 26.51 4.69 0.90
C LEU B 68 27.73 5.35 1.52
N GLN B 69 28.27 4.75 2.58
CA GLN B 69 29.47 5.28 3.20
C GLN B 69 30.64 5.28 2.22
N LEU B 70 30.69 4.26 1.37
CA LEU B 70 31.72 4.23 0.32
C LEU B 70 31.57 5.40 -0.63
N HIS B 71 30.34 5.72 -1.02
CA HIS B 71 30.09 6.68 -2.09
C HIS B 71 29.59 8.03 -1.59
N CYS B 72 29.86 8.38 -0.34
CA CYS B 72 29.52 9.71 0.17
C CYS B 72 30.49 10.79 -0.31
N HIS B 73 31.29 10.51 -1.32
CA HIS B 73 32.23 11.47 -1.87
C HIS B 73 31.48 12.63 -2.52
N PRO B 74 32.10 13.81 -2.61
CA PRO B 74 31.49 14.92 -3.36
C PRO B 74 31.81 14.94 -4.83
N ALA B 75 32.76 14.13 -5.30
CA ALA B 75 33.19 14.11 -6.69
C ALA B 75 32.44 13.08 -7.52
N CYS B 76 31.45 12.40 -6.96
CA CYS B 76 30.68 11.39 -7.67
C CYS B 76 29.23 11.51 -7.25
N LEU B 77 28.33 10.98 -8.07
CA LEU B 77 26.91 10.97 -7.73
C LEU B 77 26.32 9.62 -8.07
N VAL B 78 25.74 8.96 -7.06
CA VAL B 78 25.00 7.72 -7.27
C VAL B 78 23.56 7.97 -6.86
N LEU B 79 22.67 7.14 -7.38
CA LEU B 79 21.25 7.26 -7.11
C LEU B 79 20.77 6.01 -6.40
N VAL B 80 20.03 6.19 -5.30
CA VAL B 80 19.40 5.10 -4.57
C VAL B 80 17.91 5.14 -4.89
N LEU B 81 17.34 4.01 -5.29
CA LEU B 81 16.04 4.02 -5.93
C LEU B 81 14.88 3.86 -4.96
N ASN B 82 14.82 2.73 -4.25
CA ASN B 82 13.64 2.36 -3.48
C ASN B 82 13.97 2.36 -1.99
N THR B 83 13.81 3.51 -1.36
CA THR B 83 14.03 3.64 0.07
C THR B 83 12.92 4.48 0.69
N GLN B 84 12.56 4.15 1.92
CA GLN B 84 11.53 4.88 2.63
C GLN B 84 12.11 6.13 3.29
N PRO B 85 11.29 7.14 3.53
CA PRO B 85 11.81 8.36 4.18
C PRO B 85 12.44 8.10 5.53
N ALA B 86 11.88 7.19 6.33
CA ALA B 86 12.46 6.90 7.63
C ALA B 86 13.84 6.26 7.49
N GLU B 87 13.98 5.32 6.56
CA GLU B 87 15.29 4.70 6.35
C GLU B 87 16.30 5.71 5.83
N GLU B 88 15.87 6.59 4.92
CA GLU B 88 16.78 7.62 4.42
C GLU B 88 17.23 8.55 5.53
N GLU B 89 16.30 8.96 6.39
CA GLU B 89 16.66 9.85 7.49
C GLU B 89 17.60 9.16 8.46
N TYR B 90 17.36 7.88 8.74
CA TYR B 90 18.26 7.14 9.61
C TYR B 90 19.65 7.04 9.02
N PHE B 91 19.75 6.76 7.72
CA PHE B 91 21.05 6.68 7.08
C PHE B 91 21.78 8.02 7.13
N ILE B 92 21.06 9.11 6.86
CA ILE B 92 21.69 10.43 6.91
C ILE B 92 22.17 10.74 8.32
N ASN B 93 21.35 10.46 9.33
CA ASN B 93 21.72 10.75 10.70
C ASN B 93 22.91 9.90 11.14
N GLN B 94 22.93 8.63 10.76
CA GLN B 94 24.06 7.78 11.12
C GLN B 94 25.35 8.23 10.45
N LEU B 95 25.26 8.64 9.18
CA LEU B 95 26.45 9.16 8.51
C LEU B 95 26.93 10.45 9.17
N LYS B 96 26.00 11.29 9.62
CA LYS B 96 26.37 12.48 10.36
C LYS B 96 27.06 12.11 11.68
N ILE B 97 26.56 11.07 12.34
CA ILE B 97 27.18 10.59 13.57
C ILE B 97 28.61 10.15 13.31
N GLU B 98 28.82 9.43 12.21
CA GLU B 98 30.16 8.96 11.88
C GLU B 98 31.12 10.11 11.59
N GLY B 99 30.61 11.31 11.33
CA GLY B 99 31.46 12.43 11.02
C GLY B 99 31.80 12.52 9.55
N VAL B 100 30.78 12.58 8.71
CA VAL B 100 30.94 12.60 7.27
C VAL B 100 30.41 13.93 6.75
N GLU B 101 31.25 14.66 6.02
CA GLU B 101 30.83 15.86 5.33
C GLU B 101 30.18 15.49 4.00
N HIS B 102 29.35 16.39 3.49
CA HIS B 102 28.59 16.18 2.26
C HIS B 102 27.68 14.96 2.40
N LEU B 103 26.72 15.10 3.30
CA LEU B 103 25.76 14.04 3.57
C LEU B 103 24.86 13.80 2.36
N PRO B 104 24.24 12.62 2.27
CA PRO B 104 23.31 12.37 1.17
C PRO B 104 22.14 13.32 1.19
N ARG B 105 21.65 13.65 0.00
CA ARG B 105 20.54 14.58 -0.16
C ARG B 105 19.37 13.88 -0.83
N ARG B 106 18.16 14.26 -0.43
CA ARG B 106 16.94 13.67 -0.95
C ARG B 106 16.31 14.61 -1.96
N VAL B 107 15.92 14.07 -3.11
CA VAL B 107 15.30 14.84 -4.19
C VAL B 107 13.90 14.27 -4.41
N THR B 108 12.89 15.14 -4.28
CA THR B 108 11.50 14.73 -4.43
C THR B 108 10.78 15.74 -5.31
N ASN B 109 9.48 15.49 -5.55
CA ASN B 109 8.69 16.35 -6.42
C ASN B 109 8.53 17.76 -5.85
N GLU B 110 8.69 17.92 -4.53
CA GLU B 110 8.48 19.23 -3.92
C GLU B 110 9.49 20.25 -4.43
N ILE B 111 10.75 19.83 -4.61
CA ILE B 111 11.76 20.72 -5.14
C ILE B 111 11.39 21.12 -6.56
N THR B 112 11.60 22.40 -6.88
CA THR B 112 11.32 22.88 -8.22
C THR B 112 12.25 22.24 -9.22
N SER B 113 11.77 22.09 -10.46
CA SER B 113 12.52 21.35 -11.47
C SER B 113 13.84 22.01 -11.79
N ASN B 114 13.86 23.34 -11.90
CA ASN B 114 15.11 24.03 -12.16
C ASN B 114 16.07 23.91 -10.99
N SER B 115 15.56 23.81 -9.76
CA SER B 115 16.41 23.60 -8.60
C SER B 115 16.91 22.17 -8.49
N ARG B 116 16.19 21.20 -9.07
CA ARG B 116 16.65 19.82 -9.00
C ARG B 116 17.96 19.62 -9.75
N TYR B 117 18.23 20.44 -10.76
CA TYR B 117 19.51 20.36 -11.43
C TYR B 117 20.66 20.82 -10.56
N GLU B 118 20.38 21.57 -9.49
CA GLU B 118 21.44 22.02 -8.61
C GLU B 118 21.97 20.87 -7.76
N VAL B 119 21.07 20.06 -7.19
CA VAL B 119 21.51 18.97 -6.32
C VAL B 119 22.23 17.90 -7.12
N TYR B 120 21.85 17.69 -8.39
CA TYR B 120 22.56 16.74 -9.22
C TYR B 120 24.00 17.14 -9.43
N THR B 121 24.24 18.44 -9.66
CA THR B 121 25.60 18.92 -9.87
C THR B 121 26.43 18.89 -8.60
N GLN B 122 25.78 18.83 -7.43
CA GLN B 122 26.52 18.81 -6.17
C GLN B 122 27.20 17.47 -5.90
N GLY B 123 26.76 16.41 -6.56
CA GLY B 123 27.36 15.11 -6.36
C GLY B 123 26.89 14.44 -5.09
N GLY B 124 27.56 13.34 -4.76
CA GLY B 124 27.24 12.58 -3.57
C GLY B 124 26.06 11.67 -3.79
N VAL B 125 25.73 10.92 -2.73
CA VAL B 125 24.59 10.02 -2.78
C VAL B 125 23.31 10.85 -2.87
N ILE B 126 22.42 10.45 -3.77
CA ILE B 126 21.17 11.15 -4.01
C ILE B 126 20.02 10.16 -3.85
N PHE B 127 19.11 10.46 -2.94
CA PHE B 127 17.90 9.67 -2.77
C PHE B 127 16.81 10.25 -3.65
N ALA B 128 16.36 9.47 -4.64
CA ALA B 128 15.40 9.96 -5.61
C ALA B 128 14.25 8.99 -5.76
N THR B 129 13.08 9.51 -6.08
CA THR B 129 11.90 8.71 -6.36
C THR B 129 11.87 8.32 -7.84
N SER B 130 11.11 7.28 -8.14
CA SER B 130 11.06 6.78 -9.51
C SER B 130 10.44 7.80 -10.46
N ARG B 131 9.40 8.51 -10.01
CA ARG B 131 8.68 9.43 -10.89
C ARG B 131 9.56 10.59 -11.32
N ILE B 132 10.22 11.25 -10.37
CA ILE B 132 11.06 12.39 -10.74
C ILE B 132 12.26 11.91 -11.54
N LEU B 133 12.77 10.72 -11.27
CA LEU B 133 13.89 10.21 -12.06
C LEU B 133 13.48 9.93 -13.50
N VAL B 134 12.28 9.37 -13.70
CA VAL B 134 11.78 9.16 -15.05
C VAL B 134 11.64 10.50 -15.77
N VAL B 135 11.06 11.49 -15.10
CA VAL B 135 10.87 12.80 -15.71
C VAL B 135 12.21 13.41 -16.09
N ASP B 136 13.17 13.38 -15.16
CA ASP B 136 14.47 14.00 -15.42
C ASP B 136 15.22 13.29 -16.54
N PHE B 137 15.20 11.95 -16.55
CA PHE B 137 15.88 11.22 -17.61
C PHE B 137 15.26 11.50 -18.97
N LEU B 138 13.93 11.55 -19.04
CA LEU B 138 13.28 11.77 -20.32
C LEU B 138 13.50 13.20 -20.81
N THR B 139 13.43 14.18 -19.93
CA THR B 139 13.62 15.56 -20.30
C THR B 139 15.09 15.97 -20.33
N ASP B 140 16.00 15.04 -19.98
CA ASP B 140 17.44 15.26 -20.07
C ASP B 140 17.92 16.37 -19.14
N ARG B 141 17.19 16.60 -18.05
CA ARG B 141 17.60 17.56 -17.03
C ARG B 141 18.33 16.84 -15.90
N ILE B 142 19.39 16.14 -16.27
CA ILE B 142 20.21 15.38 -15.33
C ILE B 142 21.50 14.99 -16.04
N PRO B 143 22.67 15.19 -15.42
CA PRO B 143 23.92 14.85 -16.10
C PRO B 143 24.11 13.35 -16.20
N SER B 144 23.42 12.71 -17.15
CA SER B 144 23.44 11.26 -17.24
C SER B 144 24.84 10.71 -17.49
N ASP B 145 25.72 11.52 -18.08
CA ASP B 145 27.09 11.08 -18.28
C ASP B 145 27.93 11.20 -17.01
N LEU B 146 27.49 11.98 -16.03
CA LEU B 146 28.21 12.13 -14.77
C LEU B 146 27.79 11.11 -13.73
N ILE B 147 26.72 10.35 -13.97
CA ILE B 147 26.27 9.36 -13.01
C ILE B 147 27.29 8.24 -12.94
N THR B 148 27.85 8.01 -11.76
CA THR B 148 28.85 6.97 -11.58
C THR B 148 28.25 5.63 -11.18
N GLY B 149 26.95 5.56 -10.89
CA GLY B 149 26.35 4.29 -10.55
C GLY B 149 24.96 4.48 -10.02
N ILE B 150 24.28 3.35 -9.84
CA ILE B 150 22.92 3.30 -9.32
C ILE B 150 22.82 2.14 -8.34
N LEU B 151 22.27 2.39 -7.15
CA LEU B 151 22.03 1.35 -6.15
C LEU B 151 20.52 1.11 -6.08
N VAL B 152 20.11 -0.13 -6.32
CA VAL B 152 18.69 -0.45 -6.35
C VAL B 152 18.32 -1.25 -5.10
N TYR B 153 17.87 -0.55 -4.07
CA TYR B 153 17.33 -1.24 -2.90
C TYR B 153 15.99 -1.85 -3.23
N ARG B 154 15.66 -2.95 -2.56
CA ARG B 154 14.44 -3.71 -2.80
C ARG B 154 14.30 -4.05 -4.29
N ALA B 155 15.27 -4.80 -4.79
CA ALA B 155 15.33 -5.11 -6.21
C ALA B 155 14.22 -6.06 -6.66
N HIS B 156 13.49 -6.67 -5.74
CA HIS B 156 12.38 -7.51 -6.15
C HIS B 156 11.21 -6.72 -6.70
N ARG B 157 11.22 -5.39 -6.56
CA ARG B 157 10.18 -4.55 -7.13
C ARG B 157 10.31 -4.38 -8.63
N ILE B 158 11.46 -4.71 -9.21
CA ILE B 158 11.63 -4.66 -10.66
C ILE B 158 10.71 -5.65 -11.34
N ILE B 159 10.26 -6.68 -10.62
CA ILE B 159 9.43 -7.73 -11.21
C ILE B 159 8.14 -7.15 -11.76
N GLU B 160 7.47 -6.31 -10.97
CA GLU B 160 6.16 -5.80 -11.33
C GLU B 160 6.09 -4.31 -11.57
N SER B 161 7.05 -3.53 -11.08
CA SER B 161 7.03 -2.08 -11.24
C SER B 161 7.78 -1.73 -12.53
N CYS B 162 7.05 -1.21 -13.51
CA CYS B 162 7.63 -0.87 -14.80
C CYS B 162 8.36 0.46 -14.81
N GLN B 163 8.24 1.27 -13.76
CA GLN B 163 8.96 2.53 -13.72
C GLN B 163 10.47 2.31 -13.59
N GLU B 164 10.87 1.45 -12.65
CA GLU B 164 12.29 1.22 -12.41
C GLU B 164 12.96 0.57 -13.61
N ALA B 165 12.26 -0.33 -14.29
CA ALA B 165 12.80 -0.92 -15.51
C ALA B 165 13.05 0.15 -16.56
N PHE B 166 12.13 1.10 -16.69
CA PHE B 166 12.33 2.21 -17.63
C PHE B 166 13.51 3.07 -17.22
N ILE B 167 13.67 3.33 -15.92
CA ILE B 167 14.79 4.13 -15.45
C ILE B 167 16.11 3.45 -15.79
N LEU B 168 16.18 2.14 -15.55
CA LEU B 168 17.43 1.42 -15.82
C LEU B 168 17.70 1.32 -17.32
N ARG B 169 16.66 1.17 -18.13
CA ARG B 169 16.86 1.17 -19.58
C ARG B 169 17.37 2.52 -20.06
N LEU B 170 16.81 3.60 -19.54
CA LEU B 170 17.26 4.94 -19.94
C LEU B 170 18.69 5.19 -19.48
N PHE B 171 19.03 4.75 -18.29
CA PHE B 171 20.38 4.97 -17.77
C PHE B 171 21.42 4.23 -18.61
N ARG B 172 21.17 2.96 -18.89
CA ARG B 172 22.10 2.19 -19.71
C ARG B 172 22.14 2.68 -21.15
N GLN B 173 21.12 3.39 -21.60
CA GLN B 173 21.11 3.93 -22.95
C GLN B 173 22.05 5.11 -23.12
N LYS B 174 22.38 5.80 -22.02
CA LYS B 174 23.21 7.00 -22.07
C LYS B 174 24.59 6.83 -21.46
N ASN B 175 24.69 6.11 -20.34
CA ASN B 175 25.95 6.05 -19.61
C ASN B 175 26.84 4.89 -20.06
N LYS B 176 26.36 3.66 -19.91
CA LYS B 176 27.07 2.46 -20.31
C LYS B 176 28.43 2.31 -19.63
N ARG B 177 28.67 3.07 -18.57
CA ARG B 177 29.95 3.02 -17.87
C ARG B 177 29.76 2.84 -16.36
N GLY B 178 28.66 3.35 -15.83
CA GLY B 178 28.40 3.26 -14.42
C GLY B 178 27.99 1.87 -13.99
N PHE B 179 28.04 1.64 -12.68
CA PHE B 179 27.70 0.34 -12.13
C PHE B 179 26.23 0.29 -11.74
N ILE B 180 25.73 -0.94 -11.62
CA ILE B 180 24.37 -1.16 -11.11
C ILE B 180 24.42 -2.28 -10.09
N LYS B 181 24.31 -1.94 -8.81
CA LYS B 181 24.26 -2.91 -7.73
C LYS B 181 22.86 -2.95 -7.16
N ALA B 182 22.32 -4.16 -7.02
CA ALA B 182 20.96 -4.36 -6.54
C ALA B 182 20.99 -5.26 -5.32
N PHE B 183 20.26 -4.89 -4.28
CA PHE B 183 20.13 -5.68 -3.07
C PHE B 183 18.66 -5.99 -2.82
N THR B 184 18.41 -7.15 -2.23
CA THR B 184 17.03 -7.51 -1.90
C THR B 184 17.00 -8.61 -0.86
N ASP B 185 16.17 -8.43 0.15
CA ASP B 185 15.64 -9.54 0.94
C ASP B 185 14.52 -10.16 0.12
N ASN B 186 13.68 -10.97 0.76
CA ASN B 186 12.48 -11.48 0.11
C ASN B 186 12.83 -12.34 -1.10
N ALA B 187 13.55 -13.43 -0.82
CA ALA B 187 13.79 -14.44 -1.85
C ALA B 187 12.51 -15.13 -2.27
N VAL B 188 11.44 -14.98 -1.48
CA VAL B 188 10.16 -15.57 -1.84
C VAL B 188 9.56 -14.88 -3.06
N ALA B 189 9.87 -13.60 -3.25
CA ALA B 189 9.29 -12.84 -4.36
C ALA B 189 9.62 -13.45 -5.71
N PHE B 190 10.71 -14.21 -5.82
CA PHE B 190 11.04 -14.90 -7.05
C PHE B 190 10.44 -16.30 -7.13
N ASP B 191 9.82 -16.79 -6.04
CA ASP B 191 9.32 -18.15 -6.00
C ASP B 191 7.98 -18.30 -6.72
N THR B 192 7.25 -17.23 -6.96
CA THR B 192 5.99 -17.33 -7.68
C THR B 192 6.22 -17.77 -9.11
N GLY B 193 5.33 -18.62 -9.62
CA GLY B 193 5.47 -19.13 -10.97
C GLY B 193 5.23 -18.10 -12.06
N PHE B 194 4.56 -17.00 -11.72
CA PHE B 194 4.35 -15.93 -12.70
C PHE B 194 5.67 -15.32 -13.15
N CYS B 195 6.58 -15.08 -12.20
CA CYS B 195 7.83 -14.41 -12.49
C CYS B 195 8.94 -15.41 -12.82
N HIS B 196 10.08 -14.86 -13.25
CA HIS B 196 11.27 -15.65 -13.52
C HIS B 196 12.48 -14.80 -13.15
N VAL B 197 13.46 -15.42 -12.50
CA VAL B 197 14.63 -14.67 -12.04
C VAL B 197 15.45 -14.17 -13.22
N GLU B 198 15.48 -14.93 -14.32
CA GLU B 198 16.28 -14.53 -15.47
C GLU B 198 15.79 -13.21 -16.06
N ARG B 199 14.46 -13.04 -16.14
CA ARG B 199 13.92 -11.82 -16.75
C ARG B 199 14.26 -10.58 -15.92
N VAL B 200 14.01 -10.64 -14.61
CA VAL B 200 14.33 -9.49 -13.76
C VAL B 200 15.83 -9.25 -13.72
N MET B 201 16.62 -10.32 -13.76
CA MET B 201 18.07 -10.16 -13.80
C MET B 201 18.52 -9.47 -15.08
N ARG B 202 17.88 -9.78 -16.20
CA ARG B 202 18.20 -9.10 -17.45
C ARG B 202 17.72 -7.65 -17.44
N ASN B 203 16.63 -7.37 -16.73
CA ASN B 203 16.13 -5.99 -16.63
C ASN B 203 17.13 -5.10 -15.90
N LEU B 204 17.91 -5.66 -14.98
CA LEU B 204 18.84 -4.88 -14.18
C LEU B 204 20.21 -4.71 -14.83
N PHE B 205 20.48 -5.41 -15.93
CA PHE B 205 21.78 -5.34 -16.62
C PHE B 205 22.92 -5.71 -15.68
N VAL B 206 22.82 -6.87 -15.04
CA VAL B 206 23.78 -7.29 -14.03
C VAL B 206 24.58 -8.50 -14.49
N ARG B 207 23.91 -9.57 -14.91
CA ARG B 207 24.48 -10.80 -15.45
C ARG B 207 25.23 -11.64 -14.42
N LYS B 208 25.25 -11.24 -13.15
CA LYS B 208 25.86 -12.03 -12.09
C LYS B 208 24.94 -12.06 -10.89
N LEU B 209 24.75 -13.24 -10.31
CA LEU B 209 23.81 -13.44 -9.21
C LEU B 209 24.55 -13.98 -8.00
N TYR B 210 24.26 -13.41 -6.82
CA TYR B 210 24.88 -13.83 -5.57
C TYR B 210 23.78 -14.19 -4.58
N LEU B 211 23.81 -15.43 -4.09
CA LEU B 211 22.79 -15.94 -3.17
C LEU B 211 23.43 -16.14 -1.81
N TRP B 212 22.85 -15.53 -0.78
CA TRP B 212 23.36 -15.61 0.58
C TRP B 212 22.22 -15.98 1.52
N PRO B 213 21.82 -17.24 1.53
CA PRO B 213 20.73 -17.67 2.42
C PRO B 213 21.23 -17.80 3.86
N ARG B 214 20.32 -18.21 4.74
CA ARG B 214 20.68 -18.39 6.14
C ARG B 214 21.50 -19.66 6.36
N PHE B 215 21.31 -20.67 5.51
CA PHE B 215 22.05 -21.91 5.62
C PHE B 215 23.35 -21.91 4.82
N HIS B 216 23.73 -20.76 4.26
CA HIS B 216 25.01 -20.62 3.60
C HIS B 216 26.13 -20.93 4.59
N VAL B 217 27.17 -21.60 4.10
CA VAL B 217 28.21 -22.11 4.99
C VAL B 217 28.93 -20.98 5.71
N ALA B 218 29.22 -19.89 4.99
CA ALA B 218 29.95 -18.79 5.58
C ALA B 218 29.16 -18.11 6.70
N VAL B 219 27.85 -17.96 6.52
CA VAL B 219 27.06 -17.26 7.52
C VAL B 219 26.66 -18.20 8.66
N ASN B 220 26.29 -19.44 8.34
CA ASN B 220 25.86 -20.36 9.39
C ASN B 220 27.00 -20.68 10.34
N SER B 221 28.20 -20.87 9.81
CA SER B 221 29.34 -21.18 10.66
C SER B 221 29.69 -20.01 11.57
N PHE B 222 29.55 -18.78 11.06
CA PHE B 222 29.86 -17.60 11.87
C PHE B 222 28.78 -17.30 12.89
N LEU B 223 27.51 -17.49 12.52
CA LEU B 223 26.41 -17.19 13.43
C LEU B 223 26.25 -18.24 14.50
N GLU B 224 26.96 -19.38 14.41
CA GLU B 224 26.90 -20.40 15.44
C GLU B 224 27.83 -20.12 16.61
N GLN B 225 28.78 -19.20 16.46
CA GLN B 225 29.69 -18.86 17.54
C GLN B 225 29.19 -17.71 18.40
N HIS B 226 28.09 -17.06 18.00
CA HIS B 226 27.55 -15.93 18.74
C HIS B 226 26.03 -16.02 18.78
N LYS B 227 25.50 -17.19 19.08
CA LYS B 227 24.06 -17.35 19.10
C LYS B 227 23.49 -16.83 20.42
N PRO B 228 22.26 -16.32 20.41
CA PRO B 228 21.64 -15.85 21.65
C PRO B 228 21.03 -17.00 22.44
N GLU B 229 20.77 -16.72 23.72
CA GLU B 229 20.19 -17.71 24.62
C GLU B 229 18.68 -17.66 24.47
N VAL B 230 18.19 -18.25 23.38
CA VAL B 230 16.75 -18.24 23.09
C VAL B 230 16.05 -19.23 24.01
N VAL B 231 14.93 -18.80 24.57
CA VAL B 231 14.01 -19.65 25.31
C VAL B 231 12.59 -19.31 24.87
N GLU B 232 11.85 -20.32 24.45
CA GLU B 232 10.52 -20.10 23.90
C GLU B 232 9.47 -20.83 24.74
N ILE B 233 8.30 -20.21 24.84
CA ILE B 233 7.17 -20.75 25.60
C ILE B 233 6.03 -20.96 24.63
N HIS B 234 5.48 -22.17 24.61
CA HIS B 234 4.34 -22.49 23.77
C HIS B 234 3.08 -22.35 24.61
N VAL B 235 2.45 -21.18 24.54
CA VAL B 235 1.25 -20.91 25.31
C VAL B 235 0.07 -21.60 24.65
N SER B 236 -0.71 -22.32 25.44
CA SER B 236 -1.87 -23.04 24.94
C SER B 236 -3.10 -22.13 24.93
N MET B 237 -3.87 -22.23 23.86
CA MET B 237 -5.09 -21.43 23.75
C MET B 237 -6.18 -21.98 24.66
N THR B 238 -7.12 -21.11 25.00
CA THR B 238 -8.30 -21.54 25.72
C THR B 238 -9.17 -22.42 24.83
N PRO B 239 -9.84 -23.43 25.39
CA PRO B 239 -10.76 -24.23 24.57
C PRO B 239 -11.84 -23.40 23.89
N THR B 240 -12.30 -22.30 24.50
CA THR B 240 -13.26 -21.43 23.84
C THR B 240 -12.61 -20.67 22.70
N MET B 241 -11.36 -20.21 22.88
CA MET B 241 -10.66 -19.55 21.78
C MET B 241 -10.36 -20.51 20.65
N LEU B 242 -10.27 -21.81 20.94
CA LEU B 242 -10.02 -22.78 19.88
C LEU B 242 -11.25 -22.97 18.99
N ALA B 243 -12.44 -22.98 19.59
CA ALA B 243 -13.66 -23.16 18.82
C ALA B 243 -13.90 -22.01 17.87
N ILE B 244 -13.61 -20.78 18.32
CA ILE B 244 -13.73 -19.62 17.46
C ILE B 244 -12.82 -19.75 16.25
N GLN B 245 -11.57 -20.15 16.48
CA GLN B 245 -10.63 -20.32 15.38
C GLN B 245 -11.09 -21.41 14.43
N THR B 246 -11.62 -22.51 14.97
CA THR B 246 -12.11 -23.58 14.11
C THR B 246 -13.26 -23.11 13.23
N ALA B 247 -14.21 -22.37 13.81
CA ALA B 247 -15.33 -21.87 13.03
C ALA B 247 -14.86 -20.88 11.96
N ILE B 248 -13.95 -19.97 12.33
CA ILE B 248 -13.46 -19.00 11.36
C ILE B 248 -12.73 -19.70 10.23
N LEU B 249 -11.93 -20.72 10.54
CA LEU B 249 -11.22 -21.46 9.50
C LEU B 249 -12.18 -22.21 8.60
N ASP B 250 -13.26 -22.78 9.17
CA ASP B 250 -14.26 -23.44 8.35
C ASP B 250 -14.90 -22.46 7.36
N ILE B 251 -15.27 -21.28 7.85
CA ILE B 251 -15.88 -20.29 6.97
C ILE B 251 -14.90 -19.83 5.90
N LEU B 252 -13.64 -19.63 6.28
CA LEU B 252 -12.63 -19.22 5.32
C LEU B 252 -12.42 -20.28 4.24
N ASN B 253 -12.37 -21.55 4.63
CA ASN B 253 -12.21 -22.63 3.67
C ASN B 253 -13.39 -22.69 2.71
N ALA B 254 -14.61 -22.59 3.24
CA ALA B 254 -15.79 -22.61 2.38
C ALA B 254 -15.78 -21.46 1.39
N CYS B 255 -15.44 -20.26 1.87
CA CYS B 255 -15.42 -19.10 0.97
C CYS B 255 -14.33 -19.23 -0.09
N LEU B 256 -13.17 -19.75 0.29
CA LEU B 256 -12.10 -19.95 -0.69
C LEU B 256 -12.52 -20.96 -1.75
N LYS B 257 -13.16 -22.06 -1.34
CA LYS B 257 -13.62 -23.03 -2.32
C LYS B 257 -14.67 -22.44 -3.25
N GLU B 258 -15.59 -21.64 -2.70
CA GLU B 258 -16.58 -20.98 -3.54
C GLU B 258 -15.93 -20.02 -4.52
N LEU B 259 -14.91 -19.28 -4.07
CA LEU B 259 -14.20 -18.38 -4.97
C LEU B 259 -13.50 -19.14 -6.09
N LYS B 260 -12.90 -20.29 -5.76
CA LYS B 260 -12.25 -21.09 -6.80
C LYS B 260 -13.27 -21.62 -7.79
N CYS B 261 -14.46 -22.00 -7.31
CA CYS B 261 -15.48 -22.54 -8.21
C CYS B 261 -15.92 -21.52 -9.24
N HIS B 262 -16.13 -20.27 -8.82
CA HIS B 262 -16.60 -19.23 -9.73
C HIS B 262 -15.53 -18.73 -10.68
N ASN B 263 -14.25 -18.91 -10.34
CA ASN B 263 -13.13 -18.43 -11.15
C ASN B 263 -12.22 -19.62 -11.44
N PRO B 264 -12.52 -20.39 -12.49
CA PRO B 264 -11.66 -21.55 -12.80
C PRO B 264 -10.21 -21.18 -13.08
N SER B 265 -9.98 -19.97 -13.61
CA SER B 265 -8.61 -19.51 -13.83
C SER B 265 -7.85 -19.25 -12.55
N LEU B 266 -8.54 -19.21 -11.40
CA LEU B 266 -7.94 -18.91 -10.12
C LEU B 266 -7.66 -20.17 -9.30
N GLU B 267 -7.64 -21.33 -9.95
CA GLU B 267 -7.45 -22.60 -9.27
C GLU B 267 -6.01 -22.78 -8.82
N VAL B 268 -5.13 -21.82 -9.14
CA VAL B 268 -3.71 -21.92 -8.87
C VAL B 268 -3.45 -22.25 -7.40
N GLU B 269 -2.33 -22.93 -7.13
CA GLU B 269 -2.02 -23.39 -5.77
C GLU B 269 -1.74 -22.22 -4.83
N ASP B 270 -1.54 -21.03 -5.36
CA ASP B 270 -1.21 -19.87 -4.53
C ASP B 270 -2.39 -19.43 -3.66
N LEU B 271 -3.56 -20.04 -3.87
CA LEU B 271 -4.76 -19.71 -3.12
C LEU B 271 -5.20 -20.88 -2.25
N SER B 272 -4.26 -21.55 -1.61
CA SER B 272 -4.60 -22.61 -0.69
C SER B 272 -4.98 -22.03 0.67
N LEU B 273 -5.57 -22.87 1.53
CA LEU B 273 -6.01 -22.41 2.84
C LEU B 273 -4.84 -22.00 3.71
N GLU B 274 -3.71 -22.70 3.60
CA GLU B 274 -2.53 -22.34 4.39
C GLU B 274 -1.90 -21.04 3.91
N ASN B 275 -2.20 -20.60 2.69
CA ASN B 275 -1.70 -19.34 2.18
C ASN B 275 -2.61 -18.17 2.52
N ALA B 276 -3.90 -18.42 2.71
CA ALA B 276 -4.82 -17.35 3.08
C ALA B 276 -4.52 -16.81 4.47
N ILE B 277 -3.94 -17.63 5.35
CA ILE B 277 -3.59 -17.16 6.69
C ILE B 277 -2.49 -16.12 6.63
N GLY B 278 -1.55 -16.25 5.69
CA GLY B 278 -0.37 -15.42 5.69
C GLY B 278 -0.66 -13.96 5.38
N LYS B 279 0.29 -13.11 5.76
CA LYS B 279 0.16 -11.67 5.51
C LYS B 279 0.06 -11.32 4.03
N PRO B 280 0.94 -11.83 3.13
CA PRO B 280 0.93 -11.29 1.76
C PRO B 280 -0.15 -11.87 0.87
N PHE B 281 -1.17 -12.49 1.46
CA PHE B 281 -2.24 -13.07 0.65
C PHE B 281 -3.02 -12.00 -0.09
N ASP B 282 -3.21 -10.83 0.52
CA ASP B 282 -3.97 -9.77 -0.13
C ASP B 282 -3.29 -9.28 -1.40
N LYS B 283 -1.95 -9.22 -1.39
CA LYS B 283 -1.22 -8.78 -2.58
C LYS B 283 -1.43 -9.74 -3.74
N THR B 284 -1.42 -11.05 -3.48
CA THR B 284 -1.63 -12.01 -4.56
C THR B 284 -3.07 -11.95 -5.07
N ILE B 285 -4.04 -11.80 -4.17
CA ILE B 285 -5.43 -11.72 -4.60
C ILE B 285 -5.67 -10.44 -5.40
N ARG B 286 -4.92 -9.37 -5.11
CA ARG B 286 -5.01 -8.17 -5.93
C ARG B 286 -4.36 -8.39 -7.28
N HIS B 287 -3.17 -8.99 -7.30
CA HIS B 287 -2.49 -9.22 -8.57
C HIS B 287 -3.29 -10.10 -9.50
N TYR B 288 -4.03 -11.07 -8.95
CA TYR B 288 -4.79 -11.98 -9.81
C TYR B 288 -6.16 -11.43 -10.22
N LEU B 289 -6.64 -10.36 -9.59
CA LEU B 289 -8.01 -9.92 -9.82
C LEU B 289 -8.12 -8.46 -10.23
N ASP B 290 -7.15 -7.64 -9.84
CA ASP B 290 -7.23 -6.21 -10.14
C ASP B 290 -7.28 -5.91 -11.64
N PRO B 291 -6.42 -6.51 -12.49
CA PRO B 291 -6.49 -6.15 -13.92
C PRO B 291 -7.82 -6.44 -14.58
N LEU B 292 -8.57 -7.43 -14.08
CA LEU B 292 -9.87 -7.79 -14.64
C LEU B 292 -10.97 -7.66 -13.60
N TRP B 293 -10.94 -6.59 -12.83
CA TRP B 293 -11.85 -6.46 -11.70
C TRP B 293 -13.29 -6.27 -12.15
N HIS B 294 -13.54 -5.36 -13.07
CA HIS B 294 -14.91 -4.98 -13.38
C HIS B 294 -15.65 -6.02 -14.21
N GLN B 295 -14.98 -7.04 -14.71
CA GLN B 295 -15.63 -8.14 -15.40
C GLN B 295 -15.73 -9.39 -14.53
N LEU B 296 -15.45 -9.27 -13.24
CA LEU B 296 -15.43 -10.45 -12.37
C LEU B 296 -16.84 -10.94 -12.08
N GLY B 297 -17.76 -10.03 -11.77
CA GLY B 297 -19.11 -10.40 -11.41
C GLY B 297 -19.50 -9.77 -10.10
N ALA B 298 -20.57 -10.28 -9.50
CA ALA B 298 -21.12 -9.72 -8.28
C ALA B 298 -20.73 -10.52 -7.04
N LYS B 299 -20.85 -11.85 -7.09
CA LYS B 299 -20.52 -12.66 -5.93
C LYS B 299 -19.02 -12.68 -5.65
N THR B 300 -18.20 -12.63 -6.70
CA THR B 300 -16.75 -12.71 -6.51
C THR B 300 -16.23 -11.54 -5.69
N LYS B 301 -16.70 -10.33 -5.97
CA LYS B 301 -16.27 -9.18 -5.18
C LYS B 301 -16.72 -9.31 -3.72
N SER B 302 -17.95 -9.78 -3.52
CA SER B 302 -18.42 -10.04 -2.17
C SER B 302 -17.59 -11.13 -1.50
N LEU B 303 -17.17 -12.15 -2.26
CA LEU B 303 -16.34 -13.20 -1.69
C LEU B 303 -14.98 -12.66 -1.26
N VAL B 304 -14.41 -11.75 -2.05
CA VAL B 304 -13.13 -11.14 -1.66
C VAL B 304 -13.31 -10.31 -0.40
N GLN B 305 -14.41 -9.58 -0.30
CA GLN B 305 -14.68 -8.82 0.92
C GLN B 305 -14.81 -9.75 2.12
N ASP B 306 -15.51 -10.87 1.95
CA ASP B 306 -15.62 -11.85 3.03
C ASP B 306 -14.26 -12.41 3.41
N LEU B 307 -13.40 -12.66 2.44
CA LEU B 307 -12.06 -13.15 2.74
C LEU B 307 -11.28 -12.15 3.58
N LYS B 308 -11.34 -10.87 3.20
CA LYS B 308 -10.65 -9.85 3.97
C LYS B 308 -11.21 -9.76 5.39
N ILE B 309 -12.52 -9.82 5.53
CA ILE B 309 -13.14 -9.73 6.85
C ILE B 309 -12.78 -10.94 7.71
N LEU B 310 -12.71 -12.12 7.10
CA LEU B 310 -12.34 -13.31 7.88
C LEU B 310 -10.89 -13.25 8.32
N ARG B 311 -10.01 -12.73 7.47
CA ARG B 311 -8.62 -12.59 7.88
C ARG B 311 -8.47 -11.58 9.01
N THR B 312 -9.20 -10.46 8.95
CA THR B 312 -9.11 -9.52 10.06
C THR B 312 -9.77 -10.08 11.32
N LEU B 313 -10.77 -10.94 11.17
CA LEU B 313 -11.33 -11.63 12.33
C LEU B 313 -10.29 -12.53 12.99
N LEU B 314 -9.53 -13.27 12.17
CA LEU B 314 -8.46 -14.09 12.72
C LEU B 314 -7.43 -13.25 13.46
N GLN B 315 -7.05 -12.11 12.87
CA GLN B 315 -6.10 -11.22 13.52
C GLN B 315 -6.63 -10.73 14.87
N TYR B 316 -7.89 -10.29 14.89
CA TYR B 316 -8.48 -9.80 16.14
C TYR B 316 -8.54 -10.90 17.19
N LEU B 317 -8.91 -12.12 16.78
CA LEU B 317 -8.99 -13.22 17.73
C LEU B 317 -7.64 -13.52 18.34
N SER B 318 -6.60 -13.58 17.52
CA SER B 318 -5.29 -13.95 18.03
C SER B 318 -4.59 -12.81 18.75
N GLN B 319 -5.01 -11.57 18.55
CA GLN B 319 -4.26 -10.42 19.03
C GLN B 319 -4.88 -9.72 20.23
N TYR B 320 -6.15 -9.35 20.15
CA TYR B 320 -6.77 -8.47 21.14
C TYR B 320 -7.62 -9.27 22.12
N ASP B 321 -8.18 -8.56 23.08
CA ASP B 321 -8.89 -9.19 24.20
C ASP B 321 -10.25 -9.69 23.75
N CYS B 322 -11.05 -10.19 24.71
CA CYS B 322 -12.34 -10.78 24.40
C CYS B 322 -13.39 -9.72 24.10
N VAL B 323 -13.37 -8.61 24.85
CA VAL B 323 -14.39 -7.58 24.66
C VAL B 323 -14.25 -6.92 23.30
N THR B 324 -13.03 -6.65 22.86
CA THR B 324 -12.82 -6.08 21.53
C THR B 324 -13.29 -7.04 20.45
N PHE B 325 -13.02 -8.33 20.62
CA PHE B 325 -13.50 -9.31 19.64
C PHE B 325 -15.02 -9.33 19.59
N LEU B 326 -15.67 -9.27 20.76
CA LEU B 326 -17.13 -9.25 20.77
C LEU B 326 -17.66 -7.96 20.13
N ASN B 327 -16.97 -6.85 20.34
CA ASN B 327 -17.36 -5.60 19.70
C ASN B 327 -17.30 -5.71 18.18
N LEU B 328 -16.20 -6.25 17.66
CA LEU B 328 -16.08 -6.40 16.21
C LEU B 328 -17.13 -7.37 15.68
N LEU B 329 -17.40 -8.45 16.43
CA LEU B 329 -18.39 -9.43 16.00
C LEU B 329 -19.78 -8.81 15.95
N GLU B 330 -20.13 -8.00 16.95
CA GLU B 330 -21.47 -7.42 17.01
C GLU B 330 -21.63 -6.30 15.99
N SER B 331 -20.59 -5.48 15.81
CA SER B 331 -20.65 -4.44 14.79
C SER B 331 -20.71 -5.03 13.39
N LEU B 332 -20.07 -6.19 13.19
CA LEU B 332 -20.15 -6.85 11.89
C LEU B 332 -21.58 -7.24 11.57
N ARG B 333 -22.33 -7.70 12.57
CA ARG B 333 -23.72 -8.07 12.36
C ARG B 333 -24.61 -6.84 12.23
N ALA B 334 -24.22 -5.71 12.84
CA ALA B 334 -25.02 -4.51 12.73
C ALA B 334 -25.07 -3.98 11.31
N THR B 335 -23.93 -3.97 10.60
CA THR B 335 -23.93 -3.47 9.24
C THR B 335 -24.60 -4.45 8.29
N GLU B 336 -24.57 -5.75 8.61
CA GLU B 336 -25.28 -6.73 7.80
C GLU B 336 -26.78 -6.48 7.85
N LYS B 337 -27.30 -6.10 9.02
CA LYS B 337 -28.71 -5.76 9.13
C LYS B 337 -29.04 -4.51 8.32
N ALA B 338 -28.15 -3.51 8.36
CA ALA B 338 -28.43 -2.24 7.71
C ALA B 338 -28.23 -2.31 6.20
N PHE B 339 -27.20 -3.03 5.74
CA PHE B 339 -26.89 -3.03 4.31
C PHE B 339 -26.78 -4.45 3.75
N GLY B 340 -26.32 -5.39 4.57
CA GLY B 340 -26.17 -6.76 4.11
C GLY B 340 -24.80 -7.04 3.54
N GLN B 341 -23.75 -6.60 4.24
CA GLN B 341 -22.40 -6.80 3.74
C GLN B 341 -22.01 -8.27 3.79
N ASN B 342 -22.23 -8.93 4.91
CA ASN B 342 -21.78 -10.30 5.12
C ASN B 342 -22.94 -11.28 5.17
N SER B 343 -24.00 -11.02 4.42
CA SER B 343 -25.15 -11.91 4.42
C SER B 343 -24.81 -13.30 3.91
N GLY B 344 -23.70 -13.44 3.19
CA GLY B 344 -23.35 -14.75 2.65
C GLY B 344 -23.03 -15.77 3.72
N TRP B 345 -22.24 -15.38 4.72
CA TRP B 345 -21.75 -16.34 5.70
C TRP B 345 -22.13 -16.02 7.14
N LEU B 346 -22.67 -14.83 7.42
CA LEU B 346 -22.98 -14.49 8.80
C LEU B 346 -24.10 -15.35 9.37
N PHE B 347 -24.96 -15.90 8.53
CA PHE B 347 -26.07 -16.74 8.98
C PHE B 347 -25.75 -18.23 8.85
N LEU B 348 -24.50 -18.57 8.55
CA LEU B 348 -24.12 -19.97 8.45
C LEU B 348 -24.21 -20.63 9.82
N ASP B 349 -24.43 -21.95 9.81
CA ASP B 349 -24.52 -22.69 11.06
C ASP B 349 -23.21 -22.63 11.84
N SER B 350 -22.08 -22.51 11.16
CA SER B 350 -20.80 -22.40 11.85
C SER B 350 -20.59 -21.00 12.42
N SER B 351 -21.14 -19.97 11.76
CA SER B 351 -20.95 -18.61 12.25
C SER B 351 -21.65 -18.40 13.59
N THR B 352 -22.83 -19.02 13.77
CA THR B 352 -23.53 -18.90 15.04
C THR B 352 -22.72 -19.52 16.18
N SER B 353 -21.92 -20.54 15.88
CA SER B 353 -21.03 -21.11 16.89
C SER B 353 -20.00 -20.08 17.34
N MET B 354 -19.46 -19.29 16.41
CA MET B 354 -18.50 -18.27 16.77
C MET B 354 -19.12 -17.22 17.69
N PHE B 355 -20.35 -16.79 17.37
CA PHE B 355 -21.02 -15.80 18.21
C PHE B 355 -21.26 -16.32 19.61
N ILE B 356 -21.75 -17.56 19.72
CA ILE B 356 -22.02 -18.15 21.02
C ILE B 356 -20.73 -18.29 21.82
N ASN B 357 -19.65 -18.70 21.16
CA ASN B 357 -18.38 -18.86 21.86
C ASN B 357 -17.84 -17.52 22.34
N ALA B 358 -17.93 -16.47 21.52
CA ALA B 358 -17.48 -15.16 21.96
C ALA B 358 -18.31 -14.65 23.14
N ARG B 359 -19.63 -14.84 23.07
CA ARG B 359 -20.49 -14.44 24.18
C ARG B 359 -20.13 -15.19 25.45
N ALA B 360 -19.87 -16.51 25.33
CA ALA B 360 -19.44 -17.27 26.50
C ALA B 360 -18.10 -16.79 27.01
N ARG B 361 -17.24 -16.29 26.11
CA ARG B 361 -15.97 -15.72 26.54
C ARG B 361 -16.19 -14.48 27.39
N VAL B 362 -17.13 -13.63 27.01
CA VAL B 362 -17.36 -12.37 27.72
C VAL B 362 -18.51 -12.47 28.72
N TYR B 363 -19.66 -12.97 28.30
CA TYR B 363 -20.88 -12.93 29.08
C TYR B 363 -21.16 -14.26 29.75
N HIS B 364 -22.26 -14.30 30.50
CA HIS B 364 -22.91 -15.56 30.86
C HIS B 364 -24.34 -15.22 31.27
N LEU B 365 -25.30 -15.67 30.46
CA LEU B 365 -26.70 -15.36 30.72
C LEU B 365 -27.39 -16.58 31.30
N PRO B 366 -27.84 -16.54 32.57
CA PRO B 366 -28.50 -17.68 33.22
C PRO B 366 -29.97 -17.82 32.79
N LYS B 389 -29.15 -8.87 34.92
CA LYS B 389 -28.65 -10.21 35.21
C LYS B 389 -27.60 -10.61 34.20
N LYS B 390 -26.33 -10.53 34.60
CA LYS B 390 -25.22 -10.91 33.72
C LYS B 390 -24.08 -11.39 34.60
N GLU B 391 -23.92 -12.71 34.71
CA GLU B 391 -22.80 -13.30 35.45
C GLU B 391 -21.56 -13.26 34.56
N LEU B 392 -21.01 -12.05 34.45
CA LEU B 392 -19.92 -11.81 33.51
C LEU B 392 -18.70 -12.64 33.85
N VAL B 393 -18.06 -13.18 32.81
CA VAL B 393 -16.88 -14.02 32.95
C VAL B 393 -15.60 -13.21 32.79
N LEU B 394 -15.50 -12.47 31.69
CA LEU B 394 -14.37 -11.59 31.42
C LEU B 394 -13.05 -12.36 31.47
N GLU B 395 -12.93 -13.33 30.57
CA GLU B 395 -11.75 -14.16 30.50
C GLU B 395 -10.61 -13.45 29.79
N SER B 396 -9.40 -13.63 30.29
CA SER B 396 -8.20 -13.07 29.68
C SER B 396 -7.44 -14.17 28.94
N ASN B 397 -6.93 -13.82 27.76
CA ASN B 397 -6.19 -14.79 26.97
C ASN B 397 -4.87 -15.15 27.64
N PRO B 398 -4.39 -16.37 27.46
CA PRO B 398 -3.26 -16.86 28.29
C PRO B 398 -1.95 -16.16 28.02
N LYS B 399 -1.78 -15.47 26.90
CA LYS B 399 -0.47 -14.90 26.58
C LYS B 399 -0.07 -13.83 27.59
N TRP B 400 -1.03 -13.12 28.17
CA TRP B 400 -0.70 -12.12 29.17
C TRP B 400 -0.11 -12.75 30.42
N GLU B 401 -0.64 -13.91 30.83
CA GLU B 401 -0.08 -14.60 31.98
C GLU B 401 1.35 -15.07 31.71
N ALA B 402 1.61 -15.57 30.50
CA ALA B 402 2.97 -15.95 30.14
C ALA B 402 3.90 -14.76 30.16
N LEU B 403 3.44 -13.61 29.66
CA LEU B 403 4.25 -12.40 29.70
C LEU B 403 4.54 -11.98 31.13
N THR B 404 3.53 -12.08 32.01
CA THR B 404 3.74 -11.73 33.41
C THR B 404 4.76 -12.64 34.06
N GLU B 405 4.69 -13.95 33.77
CA GLU B 405 5.67 -14.87 34.32
C GLU B 405 7.08 -14.56 33.80
N VAL B 406 7.19 -14.23 32.51
CA VAL B 406 8.49 -13.89 31.94
C VAL B 406 9.06 -12.65 32.61
N LEU B 407 8.22 -11.63 32.78
CA LEU B 407 8.69 -10.40 33.41
C LEU B 407 9.07 -10.63 34.87
N LYS B 408 8.32 -11.50 35.56
CA LYS B 408 8.68 -11.84 36.94
C LYS B 408 10.04 -12.52 37.02
N GLU B 409 10.29 -13.47 36.11
CA GLU B 409 11.59 -14.14 36.09
C GLU B 409 12.71 -13.15 35.77
N ILE B 410 12.47 -12.24 34.82
CA ILE B 410 13.47 -11.25 34.46
C ILE B 410 13.78 -10.34 35.65
N GLU B 411 12.74 -9.90 36.36
CA GLU B 411 12.95 -9.04 37.52
C GLU B 411 13.67 -9.78 38.62
N ALA B 412 13.38 -11.07 38.80
CA ALA B 412 14.12 -11.86 39.78
C ALA B 412 15.59 -11.95 39.43
N GLU B 413 15.90 -12.17 38.14
CA GLU B 413 17.30 -12.21 37.73
C GLU B 413 17.99 -10.87 37.97
N ASN B 414 17.31 -9.77 37.65
CA ASN B 414 17.90 -8.45 37.86
C ASN B 414 18.13 -8.18 39.34
N LYS B 415 17.15 -8.51 40.19
CA LYS B 415 17.27 -8.34 41.62
C LYS B 415 18.21 -9.36 42.26
N GLU B 416 18.65 -10.37 41.51
CA GLU B 416 19.68 -11.27 42.01
C GLU B 416 21.09 -10.84 41.60
N SER B 417 21.24 -10.25 40.42
CA SER B 417 22.57 -10.00 39.86
C SER B 417 22.74 -8.53 39.48
N GLU B 418 22.41 -7.62 40.40
CA GLU B 418 22.65 -6.21 40.13
C GLU B 418 24.13 -5.90 40.03
N ALA B 419 24.93 -6.47 40.95
CA ALA B 419 26.33 -6.10 41.05
C ALA B 419 27.12 -6.51 39.81
N LEU B 420 26.67 -7.53 39.10
CA LEU B 420 27.40 -8.00 37.91
C LEU B 420 27.13 -7.08 36.73
N GLY B 421 27.62 -5.84 36.80
CA GLY B 421 27.36 -4.85 35.78
C GLY B 421 26.18 -3.97 36.13
N GLY B 422 25.43 -3.54 35.11
CA GLY B 422 24.22 -2.79 35.35
C GLY B 422 23.02 -3.68 35.56
N PRO B 423 21.90 -3.06 35.94
CA PRO B 423 20.65 -3.83 36.09
C PRO B 423 20.18 -4.51 34.82
N GLY B 424 20.42 -3.93 33.65
CA GLY B 424 19.96 -4.51 32.41
C GLY B 424 18.57 -4.04 32.04
N GLN B 425 18.30 -3.90 30.75
CA GLN B 425 17.05 -3.35 30.27
C GLN B 425 16.31 -4.37 29.42
N VAL B 426 14.99 -4.34 29.50
CA VAL B 426 14.14 -5.31 28.82
C VAL B 426 13.29 -4.58 27.79
N LEU B 427 13.19 -5.17 26.60
CA LEU B 427 12.44 -4.61 25.49
C LEU B 427 11.40 -5.62 25.04
N ILE B 428 10.16 -5.18 24.90
CA ILE B 428 9.04 -6.04 24.48
C ILE B 428 8.59 -5.58 23.11
N CYS B 429 8.52 -6.52 22.16
CA CYS B 429 8.15 -6.22 20.78
C CYS B 429 6.77 -6.83 20.50
N ALA B 430 5.84 -5.98 20.09
CA ALA B 430 4.48 -6.39 19.77
C ALA B 430 4.19 -6.08 18.31
N SER B 431 3.05 -6.59 17.83
CA SER B 431 2.75 -6.54 16.41
C SER B 431 2.43 -5.12 15.94
N ASP B 432 1.55 -4.42 16.65
CA ASP B 432 1.10 -3.11 16.20
C ASP B 432 0.85 -2.23 17.43
N ASP B 433 0.26 -1.06 17.20
CA ASP B 433 0.11 -0.08 18.26
C ASP B 433 -0.96 -0.49 19.27
N ARG B 434 -2.04 -1.09 18.80
CA ARG B 434 -3.11 -1.51 19.70
C ARG B 434 -2.61 -2.54 20.71
N THR B 435 -1.81 -3.50 20.25
CA THR B 435 -1.27 -4.50 21.16
C THR B 435 -0.32 -3.88 22.16
N CYS B 436 0.49 -2.91 21.74
CA CYS B 436 1.40 -2.24 22.66
C CYS B 436 0.62 -1.48 23.73
N SER B 437 -0.42 -0.75 23.34
CA SER B 437 -1.24 -0.03 24.31
C SER B 437 -1.92 -0.99 25.26
N GLN B 438 -2.46 -2.09 24.75
CA GLN B 438 -3.12 -3.06 25.61
C GLN B 438 -2.14 -3.69 26.59
N LEU B 439 -0.94 -4.01 26.13
CA LEU B 439 0.07 -4.59 27.01
C LEU B 439 0.45 -3.61 28.12
N ARG B 440 0.65 -2.34 27.76
CA ARG B 440 1.02 -1.35 28.77
C ARG B 440 -0.10 -1.19 29.80
N ASP B 441 -1.34 -1.12 29.34
CA ASP B 441 -2.47 -0.99 30.27
C ASP B 441 -2.60 -2.23 31.15
N TYR B 442 -2.37 -3.41 30.58
CA TYR B 442 -2.45 -4.65 31.36
C TYR B 442 -1.39 -4.68 32.45
N ILE B 443 -0.16 -4.28 32.11
CA ILE B 443 0.92 -4.33 33.09
C ILE B 443 0.72 -3.27 34.16
N THR B 444 0.34 -2.05 33.78
CA THR B 444 0.23 -0.97 34.74
C THR B 444 -0.95 -1.18 35.69
N LEU B 445 -2.06 -1.70 35.18
CA LEU B 445 -3.28 -1.85 35.96
C LEU B 445 -3.42 -3.24 36.57
N GLY B 446 -3.41 -4.27 35.73
CA GLY B 446 -3.70 -5.62 36.17
C GLY B 446 -4.85 -6.20 35.36
N ALA B 447 -4.99 -7.52 35.37
CA ALA B 447 -5.98 -8.16 34.51
C ALA B 447 -7.39 -7.73 34.88
N GLU B 448 -7.72 -7.76 36.18
CA GLU B 448 -9.08 -7.47 36.61
C GLU B 448 -9.46 -6.03 36.29
N ALA B 449 -8.61 -5.08 36.69
CA ALA B 449 -8.93 -3.67 36.47
C ALA B 449 -9.01 -3.35 34.98
N PHE B 450 -8.08 -3.89 34.19
CA PHE B 450 -8.07 -3.62 32.76
C PHE B 450 -9.31 -4.17 32.07
N LEU B 451 -9.66 -5.42 32.38
CA LEU B 451 -10.85 -6.01 31.76
C LEU B 451 -12.12 -5.30 32.22
N LEU B 452 -12.19 -4.92 33.50
CA LEU B 452 -13.35 -4.17 33.97
C LEU B 452 -13.46 -2.83 33.29
N ARG B 453 -12.34 -2.14 33.10
CA ARG B 453 -12.35 -0.85 32.42
C ARG B 453 -12.88 -1.01 31.00
N LEU B 454 -12.38 -2.02 30.28
CA LEU B 454 -12.84 -2.22 28.91
C LEU B 454 -14.33 -2.54 28.87
N TYR B 455 -14.77 -3.46 29.73
CA TYR B 455 -16.17 -3.88 29.74
C TYR B 455 -17.10 -2.72 30.08
N ARG B 456 -16.73 -1.91 31.08
CA ARG B 456 -17.59 -0.79 31.46
C ARG B 456 -17.57 0.31 30.40
N LYS B 457 -16.41 0.54 29.77
CA LYS B 457 -16.34 1.57 28.73
C LYS B 457 -17.22 1.19 27.55
N THR B 458 -17.22 -0.07 27.16
CA THR B 458 -18.01 -0.45 25.99
C THR B 458 -19.44 -0.84 26.37
N PHE B 459 -19.59 -1.86 27.21
CA PHE B 459 -20.91 -2.36 27.55
C PHE B 459 -21.52 -1.52 28.67
N GLU B 460 -22.71 -1.93 29.11
CA GLU B 460 -23.40 -1.22 30.17
C GLU B 460 -22.65 -1.41 31.49
N LYS B 461 -22.45 -0.31 32.21
CA LYS B 461 -21.70 -0.34 33.46
C LYS B 461 -22.57 -0.92 34.58
N ASP B 462 -22.10 -1.99 35.21
CA ASP B 462 -22.79 -2.60 36.33
C ASP B 462 -21.85 -2.72 37.52
N SER B 463 -22.44 -2.71 38.71
CA SER B 463 -21.68 -2.78 39.96
C SER B 463 -22.00 -4.04 40.76
N LYS B 464 -23.28 -4.39 40.89
CA LYS B 464 -23.65 -5.57 41.67
C LYS B 464 -23.11 -6.85 41.03
N ALA B 465 -23.16 -6.93 39.71
CA ALA B 465 -22.61 -8.10 39.02
C ALA B 465 -21.09 -8.06 39.00
N GLU B 466 -20.50 -6.86 38.93
CA GLU B 466 -19.05 -6.75 38.85
C GLU B 466 -18.37 -7.26 40.12
N GLU B 467 -18.93 -6.93 41.28
CA GLU B 467 -18.30 -7.34 42.54
C GLU B 467 -18.36 -8.84 42.74
N VAL B 468 -19.40 -9.50 42.24
CA VAL B 468 -19.50 -10.95 42.34
C VAL B 468 -18.38 -11.61 41.55
N TRP B 469 -18.06 -11.06 40.38
CA TRP B 469 -16.96 -11.60 39.57
C TRP B 469 -15.62 -11.41 40.29
N MET B 470 -15.45 -10.30 40.99
CA MET B 470 -14.17 -10.01 41.62
C MET B 470 -13.81 -11.06 42.67
N LYS B 471 -14.77 -11.46 43.49
CA LYS B 471 -14.50 -12.47 44.51
C LYS B 471 -14.15 -13.81 43.88
N PHE B 472 -14.86 -14.19 42.81
CA PHE B 472 -14.58 -15.45 42.15
C PHE B 472 -13.20 -15.46 41.52
N ARG B 473 -12.76 -14.32 41.00
CA ARG B 473 -11.43 -14.24 40.42
C ARG B 473 -10.35 -14.49 41.47
N LYS B 474 -10.54 -13.95 42.68
CA LYS B 474 -9.60 -14.21 43.77
C LYS B 474 -9.60 -15.70 44.14
N GLU B 475 -10.78 -16.31 44.17
CA GLU B 475 -10.90 -17.72 44.51
C GLU B 475 -10.29 -18.60 43.42
N ALA B 561 13.43 14.15 42.41
CA ALA B 561 12.63 13.26 41.58
C ALA B 561 12.22 13.94 40.28
N ALA B 562 12.28 15.28 40.27
CA ALA B 562 11.92 16.03 39.07
C ALA B 562 12.88 15.74 37.93
N PHE B 563 14.17 15.61 38.22
CA PHE B 563 15.18 15.38 37.20
C PHE B 563 16.26 14.46 37.75
N GLY B 564 16.91 13.73 36.85
CA GLY B 564 17.99 12.84 37.22
C GLY B 564 18.02 11.59 36.37
N ILE B 565 19.11 10.82 36.48
CA ILE B 565 19.22 9.56 35.77
C ILE B 565 18.40 8.50 36.49
N LEU B 566 17.72 7.65 35.72
CA LEU B 566 16.84 6.66 36.32
C LEU B 566 17.61 5.66 37.17
N LYS B 567 18.65 5.05 36.60
CA LYS B 567 19.46 4.05 37.30
C LYS B 567 18.62 2.88 37.81
N GLU B 568 17.57 2.53 37.09
CA GLU B 568 16.70 1.41 37.44
C GLU B 568 16.32 0.68 36.16
N PRO B 569 15.98 -0.61 36.26
CA PRO B 569 15.57 -1.34 35.06
C PRO B 569 14.34 -0.71 34.41
N LEU B 570 14.36 -0.71 33.08
CA LEU B 570 13.30 -0.10 32.29
C LEU B 570 12.72 -1.14 31.32
N THR B 571 11.40 -1.12 31.19
CA THR B 571 10.69 -1.96 30.23
C THR B 571 10.15 -1.08 29.12
N ILE B 572 10.53 -1.38 27.89
CA ILE B 572 10.16 -0.57 26.73
C ILE B 572 9.36 -1.44 25.77
N ILE B 573 8.15 -0.99 25.45
CA ILE B 573 7.27 -1.69 24.53
C ILE B 573 7.35 -1.00 23.16
N HIS B 574 7.63 -1.79 22.13
CA HIS B 574 7.91 -1.26 20.81
C HIS B 574 7.04 -1.94 19.76
N PRO B 575 6.31 -1.19 18.94
CA PRO B 575 5.50 -1.80 17.87
C PRO B 575 6.39 -2.21 16.70
N LEU B 576 6.34 -3.49 16.35
CA LEU B 576 7.23 -4.01 15.31
C LEU B 576 6.90 -3.42 13.95
N LEU B 577 5.63 -3.47 13.56
CA LEU B 577 5.18 -2.99 12.25
C LEU B 577 6.03 -3.61 11.13
N GLY B 578 5.91 -4.94 11.00
CA GLY B 578 6.77 -5.67 10.09
C GLY B 578 6.58 -5.29 8.64
N CYS B 579 5.34 -4.97 8.24
CA CYS B 579 5.08 -4.68 6.83
C CYS B 579 5.63 -3.32 6.42
N SER B 580 5.48 -2.31 7.27
CA SER B 580 5.89 -0.96 6.91
C SER B 580 7.39 -0.87 6.70
N ASP B 581 8.17 -1.13 7.75
CA ASP B 581 9.62 -1.20 7.64
C ASP B 581 10.11 -2.23 8.64
N PRO B 582 10.45 -3.43 8.18
CA PRO B 582 10.94 -4.45 9.11
C PRO B 582 12.20 -4.04 9.85
N TYR B 583 13.08 -3.27 9.22
CA TYR B 583 14.33 -2.90 9.86
C TYR B 583 14.15 -1.69 10.77
N ALA B 584 13.13 -1.72 11.62
CA ALA B 584 12.99 -0.73 12.68
C ALA B 584 13.34 -1.29 14.04
N LEU B 585 13.33 -2.62 14.18
CA LEU B 585 13.80 -3.25 15.41
C LEU B 585 15.29 -3.03 15.60
N THR B 586 16.07 -2.99 14.51
CA THR B 586 17.50 -2.77 14.63
C THR B 586 17.80 -1.37 15.18
N ARG B 587 17.06 -0.36 14.71
CA ARG B 587 17.27 1.00 15.21
C ARG B 587 16.98 1.09 16.70
N VAL B 588 15.88 0.47 17.14
CA VAL B 588 15.55 0.48 18.57
C VAL B 588 16.60 -0.28 19.37
N LEU B 589 17.05 -1.43 18.85
CA LEU B 589 18.06 -2.21 19.55
C LEU B 589 19.34 -1.42 19.73
N HIS B 590 19.75 -0.69 18.70
CA HIS B 590 20.96 0.12 18.81
C HIS B 590 20.74 1.38 19.63
N GLU B 591 19.50 1.85 19.76
CA GLU B 591 19.23 3.02 20.58
C GLU B 591 19.21 2.67 22.06
N VAL B 592 18.43 1.65 22.43
CA VAL B 592 18.42 1.10 23.78
C VAL B 592 18.99 -0.30 23.71
N GLU B 593 20.08 -0.54 24.43
CA GLU B 593 20.73 -1.84 24.39
C GLU B 593 20.11 -2.76 25.42
N PRO B 594 19.25 -3.70 25.01
CA PRO B 594 18.55 -4.52 25.99
C PRO B 594 19.29 -5.81 26.32
N ARG B 595 19.33 -6.12 27.62
CA ARG B 595 19.87 -7.40 28.06
C ARG B 595 18.87 -8.53 27.81
N TYR B 596 17.58 -8.24 27.83
CA TYR B 596 16.54 -9.20 27.55
C TYR B 596 15.60 -8.64 26.49
N VAL B 597 15.14 -9.51 25.60
CA VAL B 597 14.15 -9.15 24.59
C VAL B 597 13.03 -10.17 24.66
N VAL B 598 11.78 -9.69 24.67
CA VAL B 598 10.61 -10.56 24.69
C VAL B 598 9.89 -10.39 23.36
N LEU B 599 9.90 -11.44 22.55
CA LEU B 599 9.23 -11.41 21.24
C LEU B 599 7.78 -11.84 21.44
N TYR B 600 6.95 -10.87 21.82
CA TYR B 600 5.53 -11.15 22.01
C TYR B 600 4.87 -11.60 20.72
N ASP B 601 5.21 -10.94 19.61
CA ASP B 601 4.79 -11.37 18.28
C ASP B 601 6.05 -11.51 17.44
N ALA B 602 6.18 -12.65 16.76
CA ALA B 602 7.43 -13.02 16.11
C ALA B 602 7.24 -13.20 14.61
N GLU B 603 8.19 -12.68 13.84
CA GLU B 603 8.29 -12.93 12.41
C GLU B 603 9.74 -13.28 12.09
N LEU B 604 9.94 -13.81 10.87
CA LEU B 604 11.26 -14.28 10.47
C LEU B 604 12.28 -13.15 10.47
N THR B 605 11.90 -11.99 9.93
CA THR B 605 12.84 -10.88 9.81
C THR B 605 13.32 -10.41 11.17
N PHE B 606 12.44 -10.41 12.17
CA PHE B 606 12.85 -9.97 13.50
C PHE B 606 13.75 -10.99 14.17
N VAL B 607 13.52 -12.28 13.94
CA VAL B 607 14.40 -13.31 14.46
C VAL B 607 15.80 -13.14 13.86
N ARG B 608 15.88 -12.94 12.55
CA ARG B 608 17.19 -12.76 11.92
C ARG B 608 17.86 -11.47 12.39
N GLN B 609 17.07 -10.41 12.61
CA GLN B 609 17.64 -9.15 13.10
C GLN B 609 18.20 -9.31 14.49
N LEU B 610 17.50 -10.04 15.37
CA LEU B 610 18.02 -10.30 16.69
C LEU B 610 19.26 -11.20 16.64
N GLU B 611 19.30 -12.13 15.69
CA GLU B 611 20.50 -12.96 15.53
C GLU B 611 21.69 -12.11 15.10
N ILE B 612 21.47 -11.20 14.16
CA ILE B 612 22.56 -10.36 13.67
C ILE B 612 23.02 -9.38 14.75
N TYR B 613 22.07 -8.82 15.51
CA TYR B 613 22.41 -7.84 16.53
C TYR B 613 23.32 -8.44 17.60
N ARG B 614 23.03 -9.68 18.02
CA ARG B 614 23.89 -10.32 19.02
C ARG B 614 25.29 -10.54 18.48
N ALA B 615 25.41 -11.02 17.24
CA ALA B 615 26.72 -11.29 16.67
C ALA B 615 27.56 -10.02 16.50
N SER B 616 26.91 -8.87 16.40
CA SER B 616 27.66 -7.62 16.25
C SER B 616 28.40 -7.26 17.53
N ARG B 617 27.95 -7.75 18.68
CA ARG B 617 28.60 -7.50 19.95
C ARG B 617 29.13 -8.83 20.50
N PRO B 618 30.41 -9.14 20.34
CA PRO B 618 30.90 -10.48 20.70
C PRO B 618 30.96 -10.73 22.20
N GLY B 619 30.91 -9.69 23.03
CA GLY B 619 31.04 -9.88 24.47
C GLY B 619 29.75 -9.76 25.22
N LYS B 620 28.90 -8.83 24.81
CA LYS B 620 27.65 -8.56 25.53
C LYS B 620 26.59 -9.60 25.16
N PRO B 621 26.04 -10.34 26.12
CA PRO B 621 25.02 -11.34 25.80
C PRO B 621 23.61 -10.78 25.92
N LEU B 622 22.67 -11.51 25.33
CA LEU B 622 21.25 -11.21 25.51
C LEU B 622 20.46 -12.50 25.44
N ARG B 623 19.30 -12.48 26.08
CA ARG B 623 18.39 -13.63 26.12
C ARG B 623 17.07 -13.19 25.51
N VAL B 624 16.61 -13.91 24.49
CA VAL B 624 15.40 -13.55 23.75
C VAL B 624 14.30 -14.55 24.10
N TYR B 625 13.17 -14.03 24.55
CA TYR B 625 12.00 -14.84 24.86
C TYR B 625 11.08 -14.86 23.66
N PHE B 626 10.54 -16.05 23.35
CA PHE B 626 9.80 -16.30 22.12
C PHE B 626 8.43 -16.82 22.51
N LEU B 627 7.48 -15.90 22.69
CA LEU B 627 6.12 -16.25 23.07
C LEU B 627 5.32 -16.54 21.81
N ILE B 628 4.83 -17.77 21.68
CA ILE B 628 4.06 -18.19 20.52
C ILE B 628 2.84 -18.96 21.01
N TYR B 629 1.77 -18.94 20.22
CA TYR B 629 0.52 -19.59 20.57
C TYR B 629 0.53 -21.01 20.01
N GLY B 630 0.59 -21.99 20.90
CA GLY B 630 0.65 -23.38 20.48
C GLY B 630 -0.58 -23.85 19.74
N GLY B 631 -0.37 -24.42 18.55
CA GLY B 631 -1.47 -24.94 17.77
C GLY B 631 -2.45 -23.89 17.29
N SER B 632 -1.95 -22.75 16.81
CA SER B 632 -2.79 -21.67 16.32
C SER B 632 -2.35 -21.30 14.91
N THR B 633 -2.99 -20.27 14.34
CA THR B 633 -2.61 -19.82 13.02
C THR B 633 -1.32 -19.01 13.03
N GLU B 634 -0.90 -18.48 14.17
CA GLU B 634 0.38 -17.77 14.24
C GLU B 634 1.54 -18.73 14.01
N GLU B 635 1.52 -19.88 14.68
CA GLU B 635 2.56 -20.89 14.48
C GLU B 635 2.54 -21.41 13.06
N GLN B 636 1.34 -21.65 12.51
CA GLN B 636 1.24 -22.13 11.13
C GLN B 636 1.81 -21.11 10.16
N ARG B 637 1.51 -19.83 10.37
CA ARG B 637 2.03 -18.79 9.49
C ARG B 637 3.55 -18.72 9.57
N TYR B 638 4.10 -18.81 10.79
CA TYR B 638 5.56 -18.79 10.93
C TYR B 638 6.21 -19.97 10.23
N LEU B 639 5.66 -21.17 10.40
CA LEU B 639 6.25 -22.35 9.77
C LEU B 639 6.14 -22.28 8.25
N THR B 640 5.01 -21.80 7.73
CA THR B 640 4.88 -21.64 6.28
C THR B 640 5.89 -20.63 5.76
N ALA B 641 6.13 -19.55 6.48
CA ALA B 641 7.15 -18.60 6.05
C ALA B 641 8.52 -19.25 6.00
N LEU B 642 8.85 -20.04 7.03
CA LEU B 642 10.13 -20.74 7.05
C LEU B 642 10.30 -21.64 5.82
N ARG B 643 9.31 -22.50 5.58
CA ARG B 643 9.43 -23.46 4.48
C ARG B 643 9.40 -22.76 3.12
N LYS B 644 8.61 -21.69 2.99
CA LYS B 644 8.57 -20.97 1.73
C LYS B 644 9.92 -20.33 1.41
N GLU B 645 10.56 -19.72 2.41
CA GLU B 645 11.87 -19.13 2.18
C GLU B 645 12.90 -20.19 1.83
N LYS B 646 12.88 -21.33 2.54
CA LYS B 646 13.85 -22.38 2.24
C LYS B 646 13.68 -22.92 0.83
N GLU B 647 12.43 -23.20 0.43
CA GLU B 647 12.21 -23.73 -0.91
C GLU B 647 12.49 -22.71 -1.99
N ALA B 648 12.21 -21.42 -1.73
CA ALA B 648 12.54 -20.38 -2.69
C ALA B 648 14.03 -20.28 -2.89
N PHE B 649 14.82 -20.39 -1.82
CA PHE B 649 16.26 -20.31 -1.97
C PHE B 649 16.81 -21.53 -2.71
N GLU B 650 16.26 -22.72 -2.44
CA GLU B 650 16.70 -23.89 -3.21
C GLU B 650 16.37 -23.73 -4.69
N LYS B 651 15.18 -23.23 -5.00
CA LYS B 651 14.80 -23.01 -6.39
C LYS B 651 15.71 -21.98 -7.05
N LEU B 652 16.07 -20.92 -6.33
CA LEU B 652 16.99 -19.92 -6.87
C LEU B 652 18.36 -20.54 -7.14
N ILE B 653 18.82 -21.41 -6.24
CA ILE B 653 20.11 -22.09 -6.46
C ILE B 653 20.06 -22.91 -7.73
N ARG B 654 18.98 -23.67 -7.92
CA ARG B 654 18.84 -24.49 -9.12
C ARG B 654 18.79 -23.63 -10.37
N GLU B 655 18.04 -22.52 -10.33
CA GLU B 655 17.94 -21.64 -11.49
C GLU B 655 19.29 -21.03 -11.84
N LYS B 656 20.06 -20.62 -10.82
CA LYS B 656 21.39 -20.10 -11.08
C LYS B 656 22.29 -21.15 -11.70
N ALA B 657 22.20 -22.40 -11.19
CA ALA B 657 23.03 -23.46 -11.75
C ALA B 657 22.70 -23.73 -13.21
N SER B 658 21.40 -23.76 -13.54
CA SER B 658 21.00 -24.03 -14.93
C SER B 658 21.47 -22.93 -15.88
N MET B 659 21.45 -21.69 -15.42
CA MET B 659 21.76 -20.53 -16.24
C MET B 659 23.25 -20.24 -16.37
N VAL B 660 24.11 -21.03 -15.71
CA VAL B 660 25.52 -20.70 -15.62
C VAL B 660 26.15 -20.58 -17.01
N VAL B 661 25.95 -21.60 -17.85
CA VAL B 661 26.56 -21.58 -19.19
C VAL B 661 26.03 -20.45 -20.05
N PRO B 662 24.71 -20.22 -20.18
CA PRO B 662 24.31 -19.05 -20.96
C PRO B 662 24.53 -17.73 -20.21
N THR B 699 12.74 12.05 -39.61
CA THR B 699 12.94 13.06 -38.59
C THR B 699 12.45 12.58 -37.23
N GLN B 700 12.83 13.30 -36.18
CA GLN B 700 12.40 12.94 -34.82
C GLN B 700 10.92 13.25 -34.63
N GLN B 701 10.27 12.45 -33.79
CA GLN B 701 8.88 12.64 -33.47
C GLN B 701 8.68 12.38 -31.98
N SER B 702 7.70 13.06 -31.40
CA SER B 702 7.46 12.99 -29.96
C SER B 702 5.99 12.73 -29.68
N ILE B 703 5.72 12.17 -28.51
CA ILE B 703 4.39 11.93 -28.02
C ILE B 703 4.31 12.43 -26.59
N VAL B 704 3.28 13.19 -26.26
CA VAL B 704 3.06 13.68 -24.91
C VAL B 704 2.31 12.63 -24.12
N VAL B 705 2.87 12.23 -22.98
CA VAL B 705 2.36 11.12 -22.19
C VAL B 705 2.02 11.61 -20.80
N ASP B 706 0.85 11.20 -20.31
CA ASP B 706 0.43 11.54 -18.95
C ASP B 706 1.35 10.88 -17.93
N MET B 707 1.50 11.56 -16.79
CA MET B 707 2.41 11.07 -15.75
C MET B 707 1.92 9.75 -15.16
N ARG B 708 0.61 9.61 -14.95
CA ARG B 708 0.08 8.39 -14.34
C ARG B 708 0.14 7.19 -15.27
N GLU B 709 0.50 7.39 -16.53
CA GLU B 709 0.56 6.30 -17.49
C GLU B 709 1.87 5.53 -17.43
N PHE B 710 2.84 6.00 -16.65
CA PHE B 710 4.12 5.30 -16.56
C PHE B 710 4.05 4.04 -15.72
N ARG B 711 2.96 3.82 -14.98
CA ARG B 711 2.78 2.56 -14.28
C ARG B 711 2.21 1.52 -15.24
N SER B 712 2.86 1.37 -16.39
CA SER B 712 2.44 0.46 -17.44
C SER B 712 3.61 0.31 -18.40
N GLU B 713 3.49 -0.66 -19.31
CA GLU B 713 4.56 -0.95 -20.24
C GLU B 713 4.48 -0.15 -21.53
N LEU B 714 3.38 0.57 -21.76
CA LEU B 714 3.23 1.28 -23.02
C LEU B 714 4.27 2.40 -23.22
N PRO B 715 4.53 3.28 -22.24
CA PRO B 715 5.57 4.30 -22.47
C PRO B 715 6.93 3.71 -22.73
N SER B 716 7.27 2.58 -22.11
CA SER B 716 8.56 1.96 -22.37
C SER B 716 8.64 1.43 -23.80
N LEU B 717 7.56 0.83 -24.28
CA LEU B 717 7.55 0.32 -25.65
C LEU B 717 7.53 1.43 -26.68
N ILE B 718 6.89 2.55 -26.37
CA ILE B 718 6.87 3.69 -27.28
C ILE B 718 8.27 4.25 -27.45
N HIS B 719 8.98 4.44 -26.35
CA HIS B 719 10.33 4.99 -26.41
C HIS B 719 11.29 4.05 -27.13
N ARG B 720 11.11 2.74 -26.97
CA ARG B 720 12.00 1.77 -27.61
C ARG B 720 11.95 1.86 -29.12
N ARG B 721 10.82 2.31 -29.68
CA ARG B 721 10.68 2.36 -31.13
C ARG B 721 11.46 3.50 -31.76
N GLY B 722 12.03 4.40 -30.97
CA GLY B 722 12.81 5.49 -31.50
C GLY B 722 12.15 6.85 -31.47
N ILE B 723 11.04 7.01 -30.75
CA ILE B 723 10.35 8.28 -30.63
C ILE B 723 10.39 8.70 -29.16
N ASP B 724 10.73 9.96 -28.91
CA ASP B 724 10.94 10.40 -27.54
C ASP B 724 9.64 10.85 -26.90
N ILE B 725 9.68 10.98 -25.58
CA ILE B 725 8.49 11.18 -24.75
C ILE B 725 8.68 12.45 -23.94
N GLU B 726 7.65 13.28 -23.89
CA GLU B 726 7.62 14.44 -23.01
C GLU B 726 6.57 14.21 -21.93
N PRO B 727 6.96 13.86 -20.71
CA PRO B 727 5.98 13.51 -19.68
C PRO B 727 5.47 14.76 -18.97
N VAL B 728 4.14 14.95 -19.00
CA VAL B 728 3.47 16.05 -18.33
C VAL B 728 2.27 15.49 -17.57
N THR B 729 1.59 16.36 -16.84
CA THR B 729 0.34 16.02 -16.17
C THR B 729 -0.80 16.43 -17.08
N LEU B 730 -1.47 15.45 -17.69
CA LEU B 730 -2.51 15.70 -18.66
C LEU B 730 -3.88 15.59 -18.01
N GLU B 731 -4.64 16.68 -18.05
CA GLU B 731 -6.00 16.67 -17.54
C GLU B 731 -7.02 16.29 -18.59
N VAL B 732 -6.60 16.12 -19.84
CA VAL B 732 -7.48 15.73 -20.94
C VAL B 732 -6.75 14.65 -21.73
N GLY B 733 -7.12 13.40 -21.51
CA GLY B 733 -6.53 12.29 -22.23
C GLY B 733 -5.20 11.84 -21.67
N ASP B 734 -4.72 10.71 -22.19
CA ASP B 734 -3.46 10.12 -21.75
C ASP B 734 -2.32 10.37 -22.73
N TYR B 735 -2.58 10.35 -24.03
CA TYR B 735 -1.56 10.54 -25.04
C TYR B 735 -1.99 11.65 -26.00
N ILE B 736 -1.02 12.40 -26.50
CA ILE B 736 -1.25 13.42 -27.51
C ILE B 736 -0.35 13.09 -28.69
N LEU B 737 -0.89 12.39 -29.69
CA LEU B 737 -0.06 11.98 -30.81
C LEU B 737 0.26 13.16 -31.72
N THR B 738 -0.74 13.97 -32.05
CA THR B 738 -0.60 15.11 -32.94
C THR B 738 -1.21 16.33 -32.26
N PRO B 739 -1.00 17.53 -32.80
CA PRO B 739 -1.64 18.71 -32.20
C PRO B 739 -3.14 18.60 -32.11
N GLU B 740 -3.78 17.92 -33.06
CA GLU B 740 -5.22 17.64 -32.99
C GLU B 740 -5.38 16.12 -32.94
N MET B 741 -5.22 15.56 -31.74
CA MET B 741 -5.44 14.14 -31.48
C MET B 741 -5.28 13.92 -29.99
N CYS B 742 -6.05 12.98 -29.46
CA CYS B 742 -6.00 12.69 -28.03
C CYS B 742 -6.52 11.28 -27.82
N VAL B 743 -5.76 10.47 -27.10
CA VAL B 743 -6.05 9.05 -26.93
C VAL B 743 -6.30 8.78 -25.46
N GLU B 744 -7.39 8.09 -25.17
CA GLU B 744 -7.72 7.62 -23.83
C GLU B 744 -7.51 6.11 -23.81
N ARG B 745 -6.56 5.65 -23.01
CA ARG B 745 -6.23 4.24 -22.94
C ARG B 745 -7.09 3.58 -21.89
N LYS B 746 -7.94 2.64 -22.31
CA LYS B 746 -8.82 1.91 -21.41
C LYS B 746 -8.72 0.42 -21.72
N SER B 747 -8.50 -0.38 -20.69
CA SER B 747 -8.64 -1.82 -20.84
C SER B 747 -10.13 -2.17 -20.79
N ILE B 748 -10.46 -3.44 -20.97
CA ILE B 748 -11.85 -3.85 -20.93
C ILE B 748 -12.45 -3.58 -19.56
N SER B 749 -11.71 -3.93 -18.50
CA SER B 749 -12.20 -3.69 -17.15
C SER B 749 -12.38 -2.21 -16.88
N ASP B 750 -11.37 -1.40 -17.25
CA ASP B 750 -11.49 0.04 -17.04
C ASP B 750 -12.54 0.66 -17.93
N LEU B 751 -12.71 0.15 -19.15
CA LEU B 751 -13.79 0.64 -20.01
C LEU B 751 -15.15 0.38 -19.37
N ILE B 752 -15.36 -0.81 -18.84
CA ILE B 752 -16.63 -1.11 -18.18
C ILE B 752 -16.82 -0.22 -16.96
N GLY B 753 -15.77 -0.07 -16.16
CA GLY B 753 -15.87 0.77 -14.97
C GLY B 753 -16.19 2.21 -15.30
N SER B 754 -15.55 2.75 -16.35
CA SER B 754 -15.78 4.14 -16.72
C SER B 754 -17.15 4.32 -17.37
N LEU B 755 -17.65 3.32 -18.10
CA LEU B 755 -18.97 3.43 -18.68
C LEU B 755 -20.05 3.41 -17.60
N ASN B 756 -19.92 2.48 -16.65
CA ASN B 756 -20.92 2.40 -15.58
C ASN B 756 -20.84 3.61 -14.65
N ASN B 757 -19.63 4.04 -14.31
CA ASN B 757 -19.45 5.18 -13.42
C ASN B 757 -19.98 6.45 -14.06
N GLY B 758 -19.66 6.68 -15.33
CA GLY B 758 -19.98 7.92 -16.00
C GLY B 758 -18.78 8.83 -16.23
N ARG B 759 -17.58 8.38 -15.88
CA ARG B 759 -16.38 9.16 -16.13
C ARG B 759 -16.12 9.29 -17.63
N LEU B 760 -16.39 8.23 -18.39
CA LEU B 760 -16.03 8.22 -19.80
C LEU B 760 -16.83 9.25 -20.59
N TYR B 761 -18.09 9.47 -20.20
CA TYR B 761 -18.88 10.49 -20.87
C TYR B 761 -18.27 11.87 -20.70
N SER B 762 -17.85 12.22 -19.48
CA SER B 762 -17.23 13.53 -19.27
C SER B 762 -15.90 13.64 -19.99
N GLN B 763 -15.13 12.55 -19.99
CA GLN B 763 -13.86 12.54 -20.72
C GLN B 763 -14.09 12.79 -22.21
N CYS B 764 -15.08 12.12 -22.79
CA CYS B 764 -15.39 12.32 -24.19
C CYS B 764 -15.86 13.75 -24.44
N ILE B 765 -16.65 14.31 -23.53
CA ILE B 765 -17.11 15.69 -23.68
C ILE B 765 -15.92 16.64 -23.74
N SER B 766 -15.00 16.51 -22.79
CA SER B 766 -13.84 17.41 -22.77
C SER B 766 -12.95 17.21 -23.98
N MET B 767 -12.71 15.95 -24.37
CA MET B 767 -11.85 15.69 -25.52
C MET B 767 -12.45 16.24 -26.80
N SER B 768 -13.76 16.05 -26.99
CA SER B 768 -14.41 16.59 -28.18
C SER B 768 -14.39 18.11 -28.18
N ARG B 769 -14.55 18.72 -27.00
CA ARG B 769 -14.52 20.18 -26.93
C ARG B 769 -13.14 20.72 -27.28
N TYR B 770 -12.07 20.04 -26.84
CA TYR B 770 -10.74 20.62 -26.95
C TYR B 770 -9.93 20.12 -28.14
N TYR B 771 -10.15 18.90 -28.60
CA TYR B 771 -9.36 18.32 -29.68
C TYR B 771 -10.24 18.03 -30.89
N LYS B 772 -9.65 18.19 -32.07
CA LYS B 772 -10.41 17.99 -33.30
C LYS B 772 -10.63 16.51 -33.59
N ARG B 773 -9.70 15.65 -33.17
CA ARG B 773 -9.76 14.22 -33.46
C ARG B 773 -9.60 13.44 -32.17
N PRO B 774 -10.66 13.35 -31.36
CA PRO B 774 -10.58 12.54 -30.14
C PRO B 774 -10.57 11.06 -30.48
N VAL B 775 -9.86 10.28 -29.68
CA VAL B 775 -9.68 8.87 -29.92
C VAL B 775 -9.80 8.10 -28.62
N LEU B 776 -10.54 6.98 -28.66
CA LEU B 776 -10.64 6.06 -27.54
C LEU B 776 -9.95 4.75 -27.92
N LEU B 777 -9.05 4.29 -27.06
CA LEU B 777 -8.26 3.09 -27.32
C LEU B 777 -8.66 2.02 -26.34
N ILE B 778 -9.05 0.86 -26.85
CA ILE B 778 -9.47 -0.27 -26.04
C ILE B 778 -8.47 -1.41 -26.26
N GLU B 779 -7.91 -1.91 -25.17
CA GLU B 779 -6.91 -2.98 -25.21
C GLU B 779 -7.56 -4.26 -24.70
N PHE B 780 -8.02 -5.10 -25.63
CA PHE B 780 -8.65 -6.36 -25.26
C PHE B 780 -7.59 -7.44 -25.08
N ASP B 781 -8.04 -8.65 -24.81
CA ASP B 781 -7.14 -9.79 -24.57
C ASP B 781 -7.45 -10.90 -25.55
N PRO B 782 -6.60 -11.11 -26.56
CA PRO B 782 -6.88 -12.19 -27.52
C PRO B 782 -6.90 -13.57 -26.90
N SER B 783 -6.09 -13.81 -25.86
CA SER B 783 -6.06 -15.12 -25.23
C SER B 783 -7.37 -15.43 -24.52
N LYS B 784 -7.91 -14.46 -23.78
CA LYS B 784 -9.15 -14.62 -23.02
C LYS B 784 -10.08 -13.49 -23.39
N PRO B 785 -10.73 -13.58 -24.56
CA PRO B 785 -11.63 -12.50 -24.99
C PRO B 785 -12.84 -12.39 -24.08
N PHE B 786 -13.35 -11.17 -23.97
CA PHE B 786 -14.54 -10.89 -23.18
C PHE B 786 -15.71 -10.65 -24.11
N SER B 787 -16.86 -11.25 -23.79
CA SER B 787 -18.03 -11.16 -24.66
C SER B 787 -18.54 -9.74 -24.81
N LEU B 788 -18.26 -8.87 -23.85
CA LEU B 788 -18.71 -7.48 -23.84
C LEU B 788 -20.23 -7.35 -23.94
N THR B 789 -20.96 -8.44 -23.68
CA THR B 789 -22.42 -8.42 -23.63
C THR B 789 -22.88 -9.13 -22.37
N SER B 790 -24.01 -8.67 -21.83
CA SER B 790 -24.53 -9.23 -20.60
C SER B 790 -24.88 -10.70 -20.77
N ARG B 791 -24.44 -11.52 -19.83
CA ARG B 791 -24.74 -12.94 -19.88
C ARG B 791 -26.22 -13.17 -19.62
N GLY B 792 -26.83 -14.07 -20.39
CA GLY B 792 -28.24 -14.31 -20.33
C GLY B 792 -29.10 -13.35 -21.12
N ALA B 793 -28.52 -12.25 -21.60
CA ALA B 793 -29.21 -11.31 -22.48
C ALA B 793 -28.95 -11.61 -23.95
N LEU B 794 -28.19 -12.67 -24.25
CA LEU B 794 -27.90 -13.00 -25.64
C LEU B 794 -29.16 -13.27 -26.43
N PHE B 795 -30.21 -13.75 -25.77
CA PHE B 795 -31.49 -14.02 -26.41
C PHE B 795 -32.62 -13.15 -25.91
N GLN B 796 -32.44 -12.44 -24.81
CA GLN B 796 -33.45 -11.53 -24.30
C GLN B 796 -33.47 -10.24 -25.12
N GLU B 797 -34.25 -9.27 -24.67
CA GLU B 797 -34.33 -7.99 -25.35
C GLU B 797 -33.10 -7.14 -25.03
N ILE B 798 -33.00 -5.99 -25.69
CA ILE B 798 -31.86 -5.11 -25.49
C ILE B 798 -31.90 -4.54 -24.08
N SER B 799 -30.82 -4.73 -23.34
CA SER B 799 -30.73 -4.33 -21.94
C SER B 799 -29.87 -3.08 -21.82
N SER B 800 -30.41 -2.06 -21.14
CA SER B 800 -29.68 -0.81 -21.00
C SER B 800 -28.44 -0.96 -20.14
N ASN B 801 -28.43 -1.91 -19.20
CA ASN B 801 -27.27 -2.09 -18.34
C ASN B 801 -26.11 -2.78 -19.05
N ASP B 802 -26.34 -3.31 -20.24
CA ASP B 802 -25.28 -4.01 -20.97
C ASP B 802 -24.18 -3.04 -21.39
N ILE B 803 -22.95 -3.54 -21.45
CA ILE B 803 -21.82 -2.71 -21.84
C ILE B 803 -21.91 -2.35 -23.31
N SER B 804 -22.35 -3.29 -24.15
CA SER B 804 -22.45 -3.02 -25.58
C SER B 804 -23.43 -1.89 -25.86
N SER B 805 -24.59 -1.90 -25.18
CA SER B 805 -25.55 -0.83 -25.38
C SER B 805 -25.00 0.51 -24.95
N LYS B 806 -24.27 0.55 -23.83
CA LYS B 806 -23.66 1.80 -23.39
C LYS B 806 -22.62 2.30 -24.39
N LEU B 807 -21.81 1.40 -24.93
CA LEU B 807 -20.83 1.80 -25.93
C LEU B 807 -21.50 2.34 -27.18
N THR B 808 -22.58 1.68 -27.63
CA THR B 808 -23.31 2.19 -28.79
C THR B 808 -23.89 3.57 -28.51
N LEU B 809 -24.46 3.77 -27.32
CA LEU B 809 -25.01 5.07 -26.99
C LEU B 809 -23.92 6.14 -27.00
N LEU B 810 -22.75 5.82 -26.45
CA LEU B 810 -21.68 6.80 -26.38
C LEU B 810 -21.18 7.17 -27.78
N THR B 811 -20.93 6.17 -28.63
CA THR B 811 -20.48 6.48 -29.98
C THR B 811 -21.59 7.13 -30.81
N LEU B 812 -22.84 6.96 -30.40
CA LEU B 812 -23.95 7.64 -31.09
C LEU B 812 -24.03 9.10 -30.69
N HIS B 813 -23.73 9.42 -29.44
CA HIS B 813 -23.75 10.81 -28.99
C HIS B 813 -22.46 11.56 -29.27
N PHE B 814 -21.41 10.87 -29.70
CA PHE B 814 -20.14 11.49 -30.06
C PHE B 814 -19.72 10.97 -31.43
N PRO B 815 -20.34 11.47 -32.49
CA PRO B 815 -20.02 10.96 -33.84
C PRO B 815 -18.59 11.21 -34.26
N ARG B 816 -17.90 12.18 -33.65
CA ARG B 816 -16.51 12.45 -34.02
C ARG B 816 -15.52 11.53 -33.33
N LEU B 817 -15.93 10.79 -32.31
CA LEU B 817 -15.00 9.93 -31.58
C LEU B 817 -14.61 8.73 -32.43
N ARG B 818 -13.32 8.43 -32.47
CA ARG B 818 -12.80 7.29 -33.19
C ARG B 818 -12.23 6.29 -32.20
N ILE B 819 -12.39 5.00 -32.49
CA ILE B 819 -12.03 3.93 -31.58
C ILE B 819 -10.92 3.09 -32.19
N LEU B 820 -9.87 2.85 -31.42
CA LEU B 820 -8.79 1.95 -31.80
C LEU B 820 -8.85 0.71 -30.94
N TRP B 821 -8.76 -0.46 -31.58
CA TRP B 821 -8.76 -1.73 -30.88
C TRP B 821 -7.39 -2.37 -31.07
N CYS B 822 -6.75 -2.71 -29.96
CA CYS B 822 -5.44 -3.34 -29.98
C CYS B 822 -5.42 -4.52 -29.02
N PRO B 823 -4.70 -5.59 -29.37
CA PRO B 823 -4.68 -6.78 -28.52
C PRO B 823 -3.59 -6.80 -27.45
N SER B 824 -2.60 -5.92 -27.53
CA SER B 824 -1.51 -5.92 -26.56
C SER B 824 -0.85 -4.55 -26.58
N PRO B 825 -0.14 -4.19 -25.51
CA PRO B 825 0.64 -2.94 -25.55
C PRO B 825 1.68 -2.93 -26.66
N HIS B 826 2.20 -4.10 -27.05
CA HIS B 826 3.15 -4.15 -28.16
C HIS B 826 2.52 -3.70 -29.46
N ALA B 827 1.27 -4.10 -29.71
CA ALA B 827 0.59 -3.68 -30.92
C ALA B 827 0.15 -2.23 -30.84
N THR B 828 -0.12 -1.74 -29.64
CA THR B 828 -0.52 -0.34 -29.48
C THR B 828 0.62 0.60 -29.86
N ALA B 829 1.85 0.25 -29.51
CA ALA B 829 2.98 1.10 -29.87
C ALA B 829 3.15 1.18 -31.38
N GLU B 830 2.98 0.06 -32.07
CA GLU B 830 3.07 0.06 -33.53
C GLU B 830 1.99 0.94 -34.14
N LEU B 831 0.76 0.84 -33.62
CA LEU B 831 -0.33 1.67 -34.13
C LEU B 831 -0.05 3.14 -33.88
N PHE B 832 0.50 3.47 -32.71
CA PHE B 832 0.82 4.86 -32.41
C PHE B 832 1.89 5.38 -33.36
N GLU B 833 2.91 4.56 -33.63
CA GLU B 833 3.96 4.98 -34.56
C GLU B 833 3.39 5.20 -35.96
N GLU B 834 2.49 4.32 -36.41
CA GLU B 834 1.94 4.46 -37.75
C GLU B 834 0.97 5.62 -37.85
N LEU B 835 0.24 5.92 -36.77
CA LEU B 835 -0.83 6.91 -36.83
C LEU B 835 -0.31 8.31 -37.11
N LYS B 836 0.98 8.56 -36.91
CA LYS B 836 1.60 9.85 -37.21
C LYS B 836 2.67 9.61 -38.26
N GLN B 837 2.24 9.59 -39.52
CA GLN B 837 3.15 9.39 -40.65
C GLN B 837 3.59 10.69 -41.30
N SER B 838 2.69 11.66 -41.38
CA SER B 838 3.02 12.97 -41.94
C SER B 838 2.51 14.13 -41.10
N LYS B 839 1.75 13.87 -40.05
CA LYS B 839 1.23 14.95 -39.23
C LYS B 839 2.35 15.64 -38.46
N PRO B 840 2.19 16.92 -38.16
CA PRO B 840 3.20 17.61 -37.35
C PRO B 840 3.22 17.08 -35.93
N GLN B 841 4.36 17.28 -35.28
CA GLN B 841 4.52 16.80 -33.92
C GLN B 841 3.81 17.72 -32.93
N PRO B 842 3.37 17.19 -31.79
CA PRO B 842 2.75 18.04 -30.78
C PRO B 842 3.79 18.76 -29.94
N ASP B 843 3.35 19.46 -28.90
CA ASP B 843 4.29 20.11 -27.99
C ASP B 843 3.64 20.21 -26.62
N ALA B 844 4.48 20.21 -25.58
CA ALA B 844 3.99 20.46 -24.24
C ALA B 844 3.64 21.93 -24.07
N ALA B 845 3.05 22.24 -22.91
CA ALA B 845 2.65 23.60 -22.55
C ALA B 845 1.51 24.10 -23.43
N THR B 846 1.12 23.30 -24.42
CA THR B 846 -0.10 23.53 -25.19
C THR B 846 -1.19 22.55 -24.80
N ALA B 847 -0.88 21.26 -24.80
CA ALA B 847 -1.78 20.29 -24.18
C ALA B 847 -1.84 20.46 -22.68
N LEU B 848 -0.74 20.92 -22.07
CA LEU B 848 -0.74 21.18 -20.63
C LEU B 848 -1.66 22.33 -20.27
N ALA B 849 -1.68 23.38 -21.10
CA ALA B 849 -2.49 24.56 -20.84
C ALA B 849 -3.94 24.40 -21.29
N ILE B 850 -4.33 23.19 -21.72
CA ILE B 850 -5.69 23.00 -22.23
C ILE B 850 -6.71 23.23 -21.11
N THR B 851 -6.46 22.64 -19.94
CA THR B 851 -7.39 22.61 -18.80
C THR B 851 -8.87 22.64 -19.20
N GLU B 859 -6.34 29.74 -3.32
CA GLU B 859 -5.99 29.41 -4.69
C GLU B 859 -5.47 27.99 -4.79
N SER B 860 -4.78 27.68 -5.90
CA SER B 860 -4.26 26.34 -6.12
C SER B 860 -3.23 25.96 -5.06
N GLU B 861 -2.32 26.88 -4.74
CA GLU B 861 -1.35 26.63 -3.69
C GLU B 861 -2.04 26.50 -2.33
N LYS B 862 -3.03 27.35 -2.06
CA LYS B 862 -3.77 27.32 -0.82
C LYS B 862 -4.86 26.25 -0.91
N TYR B 863 -5.76 26.22 0.09
CA TYR B 863 -6.95 25.36 0.06
C TYR B 863 -6.57 23.89 -0.08
N ASN B 864 -5.94 23.37 0.98
CA ASN B 864 -5.46 22.01 1.10
C ASN B 864 -6.45 21.01 0.48
N PRO B 865 -5.98 20.10 -0.37
CA PRO B 865 -6.90 19.19 -1.06
C PRO B 865 -7.65 18.24 -0.15
N GLY B 866 -7.18 18.02 1.07
CA GLY B 866 -7.80 17.08 1.97
C GLY B 866 -9.22 17.47 2.35
N PRO B 867 -9.36 18.55 3.12
CA PRO B 867 -10.71 19.00 3.50
C PRO B 867 -11.45 19.74 2.41
N GLN B 868 -10.79 20.07 1.29
CA GLN B 868 -11.47 20.81 0.24
C GLN B 868 -12.58 19.98 -0.41
N ASP B 869 -12.28 18.72 -0.74
CA ASP B 869 -13.29 17.86 -1.33
C ASP B 869 -14.44 17.59 -0.35
N PHE B 870 -14.10 17.39 0.91
CA PHE B 870 -15.13 17.19 1.93
C PHE B 870 -16.03 18.42 2.03
N LEU B 871 -15.43 19.62 1.98
CA LEU B 871 -16.23 20.84 1.96
C LEU B 871 -17.11 20.90 0.73
N LEU B 872 -16.58 20.49 -0.42
CA LEU B 872 -17.33 20.59 -1.67
C LEU B 872 -18.52 19.64 -1.70
N LYS B 873 -18.40 18.47 -1.11
CA LYS B 873 -19.41 17.43 -1.34
C LYS B 873 -20.63 17.52 -0.43
N MET B 874 -20.56 18.20 0.72
CA MET B 874 -21.80 18.26 1.47
C MET B 874 -22.75 19.29 0.86
N PRO B 875 -24.05 19.12 1.04
CA PRO B 875 -25.01 20.01 0.37
C PRO B 875 -24.91 21.44 0.88
N GLY B 876 -25.24 22.38 -0.02
CA GLY B 876 -25.32 23.78 0.31
C GLY B 876 -24.16 24.63 -0.18
N VAL B 877 -23.20 24.05 -0.91
CA VAL B 877 -22.00 24.76 -1.33
C VAL B 877 -21.60 24.28 -2.71
N ASN B 878 -21.62 25.18 -3.70
CA ASN B 878 -21.16 24.77 -5.03
C ASN B 878 -19.70 25.15 -5.28
N ALA B 879 -19.42 26.45 -5.45
CA ALA B 879 -18.04 26.92 -5.43
C ALA B 879 -17.89 28.23 -4.64
N LYS B 880 -18.85 29.14 -4.84
CA LYS B 880 -18.69 30.49 -4.33
C LYS B 880 -18.98 30.57 -2.85
N ASN B 881 -20.10 29.97 -2.43
CA ASN B 881 -20.45 29.98 -1.01
C ASN B 881 -19.40 29.27 -0.18
N CYS B 882 -18.92 28.12 -0.65
CA CYS B 882 -17.90 27.40 0.09
C CYS B 882 -16.59 28.18 0.13
N ARG B 883 -16.17 28.71 -1.02
CA ARG B 883 -14.93 29.49 -1.07
C ARG B 883 -15.01 30.68 -0.12
N SER B 884 -16.19 31.29 0.00
CA SER B 884 -16.35 32.40 0.93
C SER B 884 -16.33 31.93 2.38
N LEU B 885 -16.97 30.80 2.67
CA LEU B 885 -17.13 30.39 4.06
C LEU B 885 -15.81 29.89 4.64
N MET B 886 -15.01 29.16 3.85
CA MET B 886 -13.82 28.55 4.43
C MET B 886 -12.84 29.60 4.96
N HIS B 887 -12.91 30.83 4.46
CA HIS B 887 -12.07 31.89 5.01
C HIS B 887 -12.53 32.29 6.41
N HIS B 888 -13.84 32.28 6.65
CA HIS B 888 -14.35 32.68 7.96
C HIS B 888 -14.10 31.61 9.01
N VAL B 889 -14.31 30.34 8.67
CA VAL B 889 -14.21 29.26 9.64
C VAL B 889 -12.79 28.69 9.60
N LYS B 890 -12.19 28.55 10.78
CA LYS B 890 -10.82 28.05 10.86
C LYS B 890 -10.72 26.61 10.37
N ASN B 891 -11.69 25.76 10.75
CA ASN B 891 -11.62 24.36 10.39
C ASN B 891 -13.02 23.78 10.41
N ILE B 892 -13.17 22.63 9.75
CA ILE B 892 -14.42 21.88 9.77
C ILE B 892 -14.67 21.23 11.13
N ALA B 893 -13.67 21.20 12.00
CA ALA B 893 -13.87 20.69 13.35
C ALA B 893 -14.92 21.49 14.10
N GLU B 894 -14.86 22.81 14.02
CA GLU B 894 -15.84 23.67 14.66
C GLU B 894 -17.01 24.00 13.74
N LEU B 895 -17.01 23.49 12.51
CA LEU B 895 -18.11 23.77 11.59
C LEU B 895 -19.43 23.23 12.15
N ALA B 896 -19.39 22.04 12.75
CA ALA B 896 -20.60 21.48 13.36
C ALA B 896 -21.09 22.30 14.54
N ALA B 897 -20.23 23.13 15.15
CA ALA B 897 -20.65 23.93 16.29
C ALA B 897 -21.62 25.03 15.89
N LEU B 898 -21.45 25.60 14.69
CA LEU B 898 -22.30 26.69 14.24
C LEU B 898 -23.75 26.22 14.11
N SER B 899 -24.68 27.11 14.43
CA SER B 899 -26.10 26.81 14.34
C SER B 899 -26.63 27.15 12.95
N GLN B 900 -27.94 26.97 12.76
CA GLN B 900 -28.54 27.22 11.46
C GLN B 900 -28.50 28.69 11.07
N ASP B 901 -28.76 29.58 12.03
CA ASP B 901 -28.78 31.01 11.73
C ASP B 901 -27.40 31.52 11.32
N GLU B 902 -26.35 31.07 12.01
CA GLU B 902 -25.01 31.46 11.62
C GLU B 902 -24.67 30.95 10.22
N LEU B 903 -25.13 29.73 9.90
CA LEU B 903 -24.95 29.22 8.54
C LEU B 903 -25.68 30.08 7.53
N THR B 904 -26.89 30.53 7.86
CA THR B 904 -27.61 31.42 6.95
C THR B 904 -26.85 32.71 6.72
N SER B 905 -26.31 33.28 7.80
CA SER B 905 -25.58 34.54 7.68
C SER B 905 -24.31 34.36 6.84
N ILE B 906 -23.56 33.29 7.08
CA ILE B 906 -22.28 33.12 6.39
C ILE B 906 -22.50 32.72 4.94
N LEU B 907 -23.37 31.72 4.70
CA LEU B 907 -23.59 31.23 3.36
C LEU B 907 -24.21 32.29 2.45
N GLY B 908 -25.18 33.05 2.99
CA GLY B 908 -25.93 33.99 2.20
C GLY B 908 -27.31 33.52 1.79
N ASN B 909 -27.67 32.27 2.12
CA ASN B 909 -28.99 31.74 1.83
C ASN B 909 -29.45 30.93 3.03
N ALA B 910 -30.77 30.86 3.21
CA ALA B 910 -31.34 30.11 4.32
C ALA B 910 -31.70 28.68 3.95
N ALA B 911 -32.08 28.44 2.69
CA ALA B 911 -32.47 27.09 2.28
C ALA B 911 -31.26 26.16 2.25
N ASN B 912 -30.17 26.58 1.63
CA ASN B 912 -28.98 25.75 1.59
C ASN B 912 -28.37 25.60 2.98
N ALA B 913 -28.43 26.65 3.80
CA ALA B 913 -27.94 26.55 5.16
C ALA B 913 -28.75 25.55 5.97
N LYS B 914 -30.08 25.58 5.80
CA LYS B 914 -30.92 24.60 6.48
C LYS B 914 -30.61 23.18 6.01
N GLN B 915 -30.39 23.01 4.70
CA GLN B 915 -30.03 21.70 4.17
C GLN B 915 -28.72 21.21 4.78
N LEU B 916 -27.71 22.08 4.84
CA LEU B 916 -26.43 21.70 5.40
C LEU B 916 -26.55 21.36 6.88
N TYR B 917 -27.31 22.16 7.63
CA TYR B 917 -27.47 21.89 9.05
C TYR B 917 -28.18 20.57 9.29
N ASP B 918 -29.22 20.28 8.51
CA ASP B 918 -29.91 19.00 8.64
C ASP B 918 -28.99 17.84 8.26
N PHE B 919 -28.15 18.03 7.24
CA PHE B 919 -27.22 16.98 6.85
C PHE B 919 -26.20 16.71 7.96
N ILE B 920 -25.68 17.77 8.59
CA ILE B 920 -24.62 17.57 9.57
C ILE B 920 -25.13 17.07 10.91
N HIS B 921 -26.42 17.24 11.19
CA HIS B 921 -27.02 16.81 12.46
C HIS B 921 -28.22 15.92 12.14
N THR B 922 -27.97 14.64 11.96
CA THR B 922 -29.05 13.70 11.70
C THR B 922 -28.57 12.30 12.06
N SER B 923 -29.49 11.49 12.59
CA SER B 923 -29.18 10.13 13.00
C SER B 923 -29.18 9.22 11.76
N PHE B 924 -29.09 7.92 11.98
CA PHE B 924 -29.22 6.93 10.91
C PHE B 924 -30.66 6.43 10.94
N ALA B 925 -31.53 7.12 10.22
CA ALA B 925 -32.94 6.76 10.15
C ALA B 925 -33.57 7.31 8.88
N SER C 100 -37.29 -1.23 -38.89
CA SER C 100 -37.18 -0.28 -39.99
C SER C 100 -35.73 -0.19 -40.47
N ILE C 101 -35.04 -1.32 -40.48
CA ILE C 101 -33.67 -1.40 -40.98
C ILE C 101 -33.74 -1.86 -42.43
N ILE C 102 -33.15 -1.08 -43.33
CA ILE C 102 -33.13 -1.39 -44.75
C ILE C 102 -31.79 -2.06 -45.04
N VAL C 103 -31.79 -3.38 -45.17
CA VAL C 103 -30.57 -4.13 -45.45
C VAL C 103 -30.35 -4.18 -46.95
N SER C 104 -29.10 -3.99 -47.36
CA SER C 104 -28.77 -4.05 -48.77
C SER C 104 -28.85 -5.49 -49.27
N PRO C 105 -29.28 -5.68 -50.52
CA PRO C 105 -29.35 -7.04 -51.06
C PRO C 105 -28.01 -7.73 -51.16
N ARG C 106 -26.91 -6.99 -51.13
CA ARG C 106 -25.57 -7.54 -51.27
C ARG C 106 -25.12 -8.38 -50.08
N GLN C 107 -25.99 -8.66 -49.11
CA GLN C 107 -25.61 -9.44 -47.94
C GLN C 107 -26.68 -10.48 -47.61
N ARG C 108 -27.30 -11.05 -48.65
CA ARG C 108 -28.42 -11.95 -48.43
C ARG C 108 -27.99 -13.20 -47.67
N GLY C 109 -26.94 -13.87 -48.14
CA GLY C 109 -26.47 -15.08 -47.50
C GLY C 109 -25.42 -14.84 -46.44
N ASN C 110 -25.80 -14.26 -45.30
CA ASN C 110 -24.85 -14.00 -44.24
C ASN C 110 -25.60 -14.26 -42.94
N PRO C 111 -25.04 -15.06 -42.05
CA PRO C 111 -25.77 -15.46 -40.83
C PRO C 111 -26.08 -14.32 -39.87
N VAL C 112 -25.48 -13.14 -40.04
CA VAL C 112 -25.69 -12.08 -39.05
C VAL C 112 -27.14 -11.60 -39.06
N LEU C 113 -27.82 -11.65 -40.21
CA LEU C 113 -29.22 -11.24 -40.25
C LEU C 113 -30.15 -12.22 -39.58
N LYS C 114 -29.67 -13.41 -39.21
CA LYS C 114 -30.52 -14.34 -38.49
C LYS C 114 -30.71 -13.90 -37.03
N PHE C 115 -29.74 -13.16 -36.49
CA PHE C 115 -29.73 -12.83 -35.08
C PHE C 115 -30.34 -11.47 -34.76
N VAL C 116 -30.88 -10.76 -35.74
CA VAL C 116 -31.59 -9.51 -35.49
C VAL C 116 -33.06 -9.83 -35.31
N ARG C 117 -33.56 -9.65 -34.10
CA ARG C 117 -34.92 -10.07 -33.79
C ARG C 117 -35.77 -8.97 -33.17
N ASN C 118 -35.20 -8.13 -32.33
CA ASN C 118 -35.97 -7.13 -31.59
C ASN C 118 -36.34 -5.92 -32.43
N VAL C 119 -35.86 -5.83 -33.67
CA VAL C 119 -36.22 -4.71 -34.54
C VAL C 119 -36.68 -5.28 -35.88
N PRO C 120 -37.59 -4.62 -36.59
CA PRO C 120 -38.02 -5.14 -37.90
C PRO C 120 -37.10 -4.68 -39.02
N TRP C 121 -36.52 -5.63 -39.75
CA TRP C 121 -35.60 -5.32 -40.83
C TRP C 121 -36.16 -5.80 -42.15
N GLU C 122 -35.94 -5.03 -43.20
CA GLU C 122 -36.42 -5.34 -44.54
C GLU C 122 -35.33 -5.05 -45.55
N PHE C 123 -35.49 -5.59 -46.75
CA PHE C 123 -34.52 -5.40 -47.82
C PHE C 123 -34.73 -4.05 -48.48
N GLY C 124 -34.08 -3.83 -49.61
CA GLY C 124 -34.14 -2.56 -50.30
C GLY C 124 -32.76 -2.03 -50.64
N ASP C 125 -32.58 -1.54 -51.85
CA ASP C 125 -31.25 -1.09 -52.28
C ASP C 125 -30.83 0.14 -51.49
N VAL C 126 -29.62 0.10 -50.94
CA VAL C 126 -29.05 1.21 -50.21
C VAL C 126 -27.55 1.23 -50.48
N ILE C 127 -26.98 2.44 -50.48
CA ILE C 127 -25.53 2.56 -50.71
C ILE C 127 -24.72 1.84 -49.64
N PRO C 128 -24.97 2.00 -48.34
CA PRO C 128 -24.23 1.25 -47.34
C PRO C 128 -24.79 -0.17 -47.21
N ASP C 129 -24.14 -0.97 -46.37
CA ASP C 129 -24.61 -2.32 -46.12
C ASP C 129 -25.89 -2.30 -45.29
N TYR C 130 -25.95 -1.45 -44.29
CA TYR C 130 -27.12 -1.30 -43.44
C TYR C 130 -27.44 0.18 -43.26
N VAL C 131 -28.72 0.48 -43.09
CA VAL C 131 -29.18 1.83 -42.77
C VAL C 131 -29.88 1.74 -41.42
N LEU C 132 -29.20 2.24 -40.38
CA LEU C 132 -29.75 2.20 -39.03
C LEU C 132 -30.48 3.50 -38.71
N GLY C 133 -31.51 3.76 -39.50
CA GLY C 133 -32.27 4.99 -39.37
C GLY C 133 -31.60 6.15 -40.06
N GLN C 134 -32.15 7.33 -39.83
CA GLN C 134 -31.62 8.53 -40.44
C GLN C 134 -30.26 8.89 -39.86
N SER C 135 -29.34 9.28 -40.74
CA SER C 135 -28.00 9.74 -40.35
C SER C 135 -27.23 8.69 -39.58
N THR C 136 -27.44 7.41 -39.88
CA THR C 136 -26.69 6.33 -39.23
C THR C 136 -26.69 5.12 -40.14
N CYS C 137 -25.54 4.81 -40.72
CA CYS C 137 -25.39 3.67 -41.62
C CYS C 137 -24.26 2.79 -41.12
N ALA C 138 -24.30 1.52 -41.54
CA ALA C 138 -23.33 0.53 -41.08
C ALA C 138 -22.79 -0.26 -42.25
N LEU C 139 -21.57 -0.77 -42.07
CA LEU C 139 -20.91 -1.65 -43.03
C LEU C 139 -20.42 -2.88 -42.30
N PHE C 140 -20.53 -4.04 -42.94
CA PHE C 140 -20.10 -5.29 -42.35
C PHE C 140 -18.79 -5.73 -42.97
N LEU C 141 -17.98 -6.42 -42.17
CA LEU C 141 -16.69 -6.92 -42.62
C LEU C 141 -16.31 -8.14 -41.81
N SER C 142 -15.64 -9.08 -42.47
CA SER C 142 -15.11 -10.27 -41.83
C SER C 142 -13.61 -10.31 -42.01
N LEU C 143 -12.90 -10.75 -40.97
CA LEU C 143 -11.45 -10.71 -40.99
C LEU C 143 -10.87 -11.62 -42.06
N ARG C 144 -11.43 -12.83 -42.20
CA ARG C 144 -10.95 -13.73 -43.25
C ARG C 144 -11.30 -13.18 -44.63
N TYR C 145 -12.48 -12.59 -44.78
CA TYR C 145 -12.82 -11.91 -46.03
C TYR C 145 -11.84 -10.78 -46.31
N HIS C 146 -11.52 -9.98 -45.28
CA HIS C 146 -10.60 -8.87 -45.48
C HIS C 146 -9.22 -9.35 -45.90
N ASN C 147 -8.76 -10.44 -45.28
CA ASN C 147 -7.47 -11.01 -45.67
C ASN C 147 -7.50 -11.54 -47.10
N LEU C 148 -8.59 -12.20 -47.49
CA LEU C 148 -8.69 -12.73 -48.84
C LEU C 148 -8.78 -11.62 -49.88
N HIS C 149 -9.49 -10.54 -49.56
CA HIS C 149 -9.70 -9.42 -50.48
C HIS C 149 -9.29 -8.13 -49.78
N PRO C 150 -8.00 -7.84 -49.71
CA PRO C 150 -7.55 -6.65 -48.97
C PRO C 150 -8.09 -5.34 -49.49
N ASP C 151 -8.31 -5.21 -50.80
CA ASP C 151 -8.74 -3.94 -51.37
C ASP C 151 -10.26 -3.82 -51.49
N TYR C 152 -11.01 -4.79 -50.99
CA TYR C 152 -12.46 -4.76 -51.17
C TYR C 152 -13.10 -3.66 -50.33
N ILE C 153 -12.74 -3.57 -49.05
CA ILE C 153 -13.46 -2.69 -48.14
C ILE C 153 -13.16 -1.22 -48.43
N HIS C 154 -11.97 -0.92 -48.95
CA HIS C 154 -11.62 0.47 -49.24
C HIS C 154 -12.55 1.05 -50.29
N GLY C 155 -12.93 0.25 -51.29
CA GLY C 155 -13.90 0.71 -52.26
C GLY C 155 -15.23 1.07 -51.62
N ARG C 156 -15.68 0.25 -50.66
CA ARG C 156 -16.91 0.55 -49.95
C ARG C 156 -16.81 1.86 -49.19
N LEU C 157 -15.70 2.06 -48.47
CA LEU C 157 -15.52 3.32 -47.75
C LEU C 157 -15.50 4.51 -48.69
N GLN C 158 -14.81 4.38 -49.83
CA GLN C 158 -14.75 5.48 -50.78
C GLN C 158 -16.10 5.79 -51.40
N SER C 159 -16.89 4.76 -51.68
CA SER C 159 -18.21 4.94 -52.29
C SER C 159 -19.28 5.31 -51.27
N LEU C 160 -18.98 5.22 -49.97
CA LEU C 160 -19.98 5.57 -48.97
C LEU C 160 -20.33 7.06 -49.01
N GLY C 161 -19.31 7.92 -49.09
CA GLY C 161 -19.55 9.34 -49.10
C GLY C 161 -19.82 9.89 -47.70
N LYS C 162 -20.06 11.20 -47.65
CA LYS C 162 -20.32 11.90 -46.40
C LYS C 162 -21.80 12.22 -46.21
N ASN C 163 -22.69 11.36 -46.70
CA ASN C 163 -24.12 11.60 -46.55
C ASN C 163 -24.61 11.30 -45.14
N PHE C 164 -24.00 10.33 -44.46
CA PHE C 164 -24.45 9.89 -43.15
C PHE C 164 -23.64 10.58 -42.07
N ALA C 165 -24.32 11.09 -41.04
CA ALA C 165 -23.65 11.75 -39.94
C ALA C 165 -22.75 10.78 -39.18
N LEU C 166 -23.25 9.57 -38.91
CA LEU C 166 -22.50 8.54 -38.21
C LEU C 166 -22.36 7.34 -39.12
N ARG C 167 -21.13 6.89 -39.32
CA ARG C 167 -20.83 5.74 -40.18
C ARG C 167 -20.03 4.75 -39.34
N VAL C 168 -20.67 3.68 -38.90
CA VAL C 168 -20.03 2.67 -38.08
C VAL C 168 -19.71 1.46 -38.95
N LEU C 169 -18.44 1.06 -38.94
CA LEU C 169 -17.99 -0.12 -39.64
C LEU C 169 -17.64 -1.16 -38.58
N LEU C 170 -18.47 -2.19 -38.47
CA LEU C 170 -18.27 -3.23 -37.46
C LEU C 170 -17.72 -4.47 -38.14
N VAL C 171 -16.69 -5.07 -37.54
CA VAL C 171 -16.02 -6.23 -38.10
C VAL C 171 -16.28 -7.43 -37.19
N GLN C 172 -16.24 -8.61 -37.79
CA GLN C 172 -16.42 -9.87 -37.07
C GLN C 172 -15.06 -10.57 -37.07
N VAL C 173 -14.30 -10.35 -36.00
CA VAL C 173 -12.97 -10.95 -35.90
C VAL C 173 -13.12 -12.45 -35.73
N ASP C 174 -12.54 -13.21 -36.66
CA ASP C 174 -12.67 -14.66 -36.66
C ASP C 174 -11.31 -15.34 -36.76
N VAL C 175 -10.32 -14.64 -37.34
CA VAL C 175 -9.00 -15.22 -37.46
C VAL C 175 -8.37 -15.38 -36.08
N LYS C 176 -7.34 -16.23 -36.02
CA LYS C 176 -6.67 -16.49 -34.75
C LYS C 176 -5.75 -15.34 -34.35
N ASP C 177 -5.17 -14.64 -35.33
CA ASP C 177 -4.26 -13.52 -35.08
C ASP C 177 -4.74 -12.31 -35.85
N PRO C 178 -5.62 -11.50 -35.25
CA PRO C 178 -6.05 -10.24 -35.90
C PRO C 178 -5.16 -9.04 -35.61
N GLN C 179 -3.95 -9.25 -35.10
CA GLN C 179 -3.10 -8.12 -34.72
C GLN C 179 -2.75 -7.27 -35.93
N GLN C 180 -2.39 -7.91 -37.05
CA GLN C 180 -1.92 -7.16 -38.21
C GLN C 180 -3.07 -6.44 -38.90
N ALA C 181 -4.19 -7.12 -39.15
CA ALA C 181 -5.26 -6.53 -39.93
C ALA C 181 -5.97 -5.42 -39.18
N LEU C 182 -6.08 -5.54 -37.86
CA LEU C 182 -6.74 -4.51 -37.07
C LEU C 182 -6.00 -3.18 -37.16
N LYS C 183 -4.67 -3.22 -37.32
CA LYS C 183 -3.91 -1.99 -37.47
C LYS C 183 -4.32 -1.23 -38.73
N GLU C 184 -4.32 -1.91 -39.87
CA GLU C 184 -4.72 -1.26 -41.11
C GLU C 184 -6.18 -0.83 -41.06
N LEU C 185 -7.05 -1.66 -40.46
CA LEU C 185 -8.46 -1.30 -40.37
C LEU C 185 -8.65 -0.04 -39.54
N ALA C 186 -7.97 0.06 -38.40
CA ALA C 186 -8.08 1.24 -37.55
C ALA C 186 -7.55 2.48 -38.25
N LYS C 187 -6.41 2.35 -38.93
CA LYS C 187 -5.87 3.51 -39.65
C LYS C 187 -6.81 3.96 -40.76
N MET C 188 -7.38 3.01 -41.50
CA MET C 188 -8.30 3.35 -42.58
C MET C 188 -9.56 4.01 -42.04
N CYS C 189 -10.09 3.50 -40.92
CA CYS C 189 -11.27 4.11 -40.32
C CYS C 189 -10.97 5.52 -39.82
N ILE C 190 -9.78 5.72 -39.25
CA ILE C 190 -9.38 7.06 -38.82
C ILE C 190 -9.34 8.00 -40.02
N LEU C 191 -8.76 7.54 -41.13
CA LEU C 191 -8.62 8.40 -42.30
C LEU C 191 -9.97 8.69 -42.95
N ALA C 192 -10.88 7.71 -42.94
CA ALA C 192 -12.14 7.82 -43.66
C ALA C 192 -13.26 8.44 -42.83
N ASP C 193 -12.98 8.85 -41.59
CA ASP C 193 -13.97 9.48 -40.70
C ASP C 193 -15.15 8.54 -40.44
N CYS C 194 -14.84 7.39 -39.87
CA CYS C 194 -15.85 6.41 -39.51
C CYS C 194 -15.39 5.65 -38.27
N THR C 195 -16.35 5.13 -37.51
CA THR C 195 -16.07 4.48 -36.25
C THR C 195 -15.99 2.97 -36.42
N LEU C 196 -15.13 2.35 -35.61
CA LEU C 196 -14.84 0.92 -35.71
C LEU C 196 -15.41 0.21 -34.49
N ILE C 197 -16.13 -0.88 -34.72
CA ILE C 197 -16.74 -1.69 -33.67
C ILE C 197 -16.32 -3.13 -33.88
N LEU C 198 -15.94 -3.81 -32.80
CA LEU C 198 -15.49 -5.18 -32.84
C LEU C 198 -16.55 -6.10 -32.26
N ALA C 199 -16.91 -7.13 -33.02
CA ALA C 199 -17.82 -8.17 -32.56
C ALA C 199 -17.15 -9.51 -32.77
N TRP C 200 -17.08 -10.33 -31.73
CA TRP C 200 -16.37 -11.60 -31.78
C TRP C 200 -17.26 -12.77 -32.20
N SER C 201 -18.56 -12.54 -32.38
CA SER C 201 -19.47 -13.60 -32.78
C SER C 201 -20.55 -13.00 -33.66
N PRO C 202 -21.16 -13.78 -34.54
CA PRO C 202 -22.26 -13.24 -35.35
C PRO C 202 -23.43 -12.76 -34.50
N GLU C 203 -23.65 -13.36 -33.34
CA GLU C 203 -24.71 -12.89 -32.45
C GLU C 203 -24.43 -11.48 -31.95
N GLU C 204 -23.17 -11.19 -31.61
CA GLU C 204 -22.83 -9.87 -31.08
C GLU C 204 -23.06 -8.78 -32.11
N ALA C 205 -22.69 -9.04 -33.37
CA ALA C 205 -22.88 -8.04 -34.42
C ALA C 205 -24.36 -7.73 -34.61
N GLY C 206 -25.21 -8.75 -34.60
CA GLY C 206 -26.64 -8.52 -34.67
C GLY C 206 -27.14 -7.69 -33.50
N ARG C 207 -26.63 -7.96 -32.30
CA ARG C 207 -27.00 -7.17 -31.14
C ARG C 207 -26.60 -5.72 -31.32
N TYR C 208 -25.40 -5.47 -31.86
CA TYR C 208 -24.97 -4.10 -32.11
C TYR C 208 -25.89 -3.40 -33.08
N LEU C 209 -26.27 -4.08 -34.16
CA LEU C 209 -27.17 -3.47 -35.13
C LEU C 209 -28.53 -3.16 -34.51
N GLU C 210 -29.08 -4.10 -33.74
CA GLU C 210 -30.36 -3.86 -33.10
C GLU C 210 -30.29 -2.70 -32.12
N THR C 211 -29.23 -2.63 -31.34
CA THR C 211 -29.08 -1.53 -30.38
C THR C 211 -28.96 -0.20 -31.10
N TYR C 212 -28.23 -0.17 -32.21
CA TYR C 212 -28.15 1.07 -32.98
C TYR C 212 -29.52 1.48 -33.48
N LYS C 213 -30.32 0.53 -33.97
CA LYS C 213 -31.66 0.87 -34.43
C LYS C 213 -32.56 1.31 -33.27
N ALA C 214 -32.47 0.61 -32.13
CA ALA C 214 -33.40 0.86 -31.04
C ALA C 214 -33.05 2.09 -30.22
N TYR C 215 -31.84 2.61 -30.33
CA TYR C 215 -31.40 3.77 -29.57
C TYR C 215 -31.37 5.03 -30.43
N GLU C 216 -32.29 5.15 -31.38
CA GLU C 216 -32.24 6.25 -32.34
C GLU C 216 -32.34 7.60 -31.64
N GLN C 217 -33.23 7.74 -30.68
CA GLN C 217 -33.42 9.00 -29.96
C GLN C 217 -33.30 8.78 -28.46
N LYS C 218 -32.40 7.91 -28.04
CA LYS C 218 -32.17 7.70 -26.62
C LYS C 218 -31.33 8.84 -26.06
N PRO C 219 -31.78 9.50 -24.99
CA PRO C 219 -30.98 10.57 -24.38
C PRO C 219 -29.76 10.00 -23.68
N ALA C 220 -28.83 10.89 -23.34
CA ALA C 220 -27.55 10.53 -22.76
C ALA C 220 -27.64 10.29 -21.25
N ASP C 221 -28.84 10.07 -20.70
CA ASP C 221 -28.97 9.83 -19.28
C ASP C 221 -28.29 8.54 -18.86
N LEU C 222 -28.31 7.53 -19.73
CA LEU C 222 -27.74 6.24 -19.38
C LEU C 222 -26.25 6.33 -19.11
N LEU C 223 -25.58 7.31 -19.70
CA LEU C 223 -24.13 7.41 -19.60
C LEU C 223 -23.66 8.25 -18.42
N MET C 224 -24.38 9.33 -18.12
CA MET C 224 -23.92 10.24 -17.08
C MET C 224 -24.00 9.59 -15.70
N GLU C 225 -23.23 10.13 -14.77
CA GLU C 225 -23.20 9.60 -13.42
C GLU C 225 -24.53 9.84 -12.72
N LYS C 226 -24.85 8.96 -11.77
CA LYS C 226 -26.11 9.07 -11.06
C LYS C 226 -26.07 10.18 -10.02
N LEU C 227 -25.16 10.09 -9.06
CA LEU C 227 -25.06 11.05 -7.96
C LEU C 227 -26.39 11.16 -7.20
N GLU C 228 -26.77 10.04 -6.59
CA GLU C 228 -28.01 9.98 -5.82
C GLU C 228 -27.99 11.02 -4.70
N GLN C 229 -29.12 11.70 -4.52
CA GLN C 229 -29.25 12.76 -3.53
C GLN C 229 -29.68 12.25 -2.16
N ASP C 230 -29.77 10.94 -1.98
CA ASP C 230 -30.13 10.38 -0.68
C ASP C 230 -29.05 10.72 0.35
N PHE C 231 -29.48 10.87 1.60
CA PHE C 231 -28.56 11.26 2.66
C PHE C 231 -27.47 10.22 2.85
N VAL C 232 -27.83 8.94 2.84
CA VAL C 232 -26.84 7.88 3.02
C VAL C 232 -25.84 7.89 1.88
N SER C 233 -26.33 8.01 0.65
CA SER C 233 -25.43 8.05 -0.50
C SER C 233 -24.54 9.28 -0.46
N ARG C 234 -25.10 10.43 -0.02
CA ARG C 234 -24.31 11.65 0.05
C ARG C 234 -23.18 11.53 1.05
N VAL C 235 -23.49 11.03 2.26
CA VAL C 235 -22.42 10.86 3.24
C VAL C 235 -21.43 9.80 2.78
N THR C 236 -21.90 8.78 2.07
CA THR C 236 -20.99 7.74 1.57
C THR C 236 -19.98 8.32 0.59
N GLU C 237 -20.45 9.12 -0.38
CA GLU C 237 -19.52 9.71 -1.33
C GLU C 237 -18.60 10.71 -0.64
N CYS C 238 -19.15 11.50 0.29
CA CYS C 238 -18.30 12.44 1.03
C CYS C 238 -17.20 11.72 1.77
N LEU C 239 -17.50 10.58 2.38
CA LEU C 239 -16.47 9.80 3.06
C LEU C 239 -15.48 9.21 2.06
N THR C 240 -15.96 8.70 0.94
CA THR C 240 -15.06 8.11 -0.04
C THR C 240 -14.18 9.14 -0.74
N THR C 241 -14.45 10.43 -0.56
CA THR C 241 -13.56 11.46 -1.10
C THR C 241 -12.14 11.35 -0.55
N VAL C 242 -11.95 10.74 0.63
CA VAL C 242 -10.63 10.63 1.22
C VAL C 242 -9.80 9.63 0.42
N LYS C 243 -8.50 9.56 0.71
CA LYS C 243 -7.55 8.93 -0.18
C LYS C 243 -7.87 7.46 -0.43
N SER C 244 -8.03 6.68 0.64
CA SER C 244 -8.28 5.24 0.49
C SER C 244 -9.35 4.81 1.50
N VAL C 245 -10.61 4.93 1.09
CA VAL C 245 -11.74 4.42 1.86
C VAL C 245 -12.82 3.99 0.87
N ASN C 246 -13.17 2.72 0.87
CA ASN C 246 -14.16 2.20 -0.04
C ASN C 246 -15.57 2.39 0.52
N LYS C 247 -16.56 1.97 -0.26
CA LYS C 247 -17.95 2.15 0.16
C LYS C 247 -18.27 1.35 1.41
N THR C 248 -17.75 0.12 1.50
CA THR C 248 -18.07 -0.73 2.65
C THR C 248 -17.51 -0.14 3.94
N ASP C 249 -16.34 0.50 3.87
CA ASP C 249 -15.77 1.11 5.06
C ASP C 249 -16.66 2.25 5.57
N SER C 250 -17.16 3.08 4.67
CA SER C 250 -18.09 4.12 5.07
C SER C 250 -19.39 3.52 5.58
N GLN C 251 -19.80 2.37 5.05
CA GLN C 251 -21.01 1.71 5.52
C GLN C 251 -20.87 1.29 6.98
N THR C 252 -19.73 0.66 7.32
CA THR C 252 -19.49 0.31 8.72
C THR C 252 -19.31 1.55 9.58
N LEU C 253 -18.66 2.57 9.02
CA LEU C 253 -18.38 3.79 9.79
C LEU C 253 -19.65 4.52 10.18
N LEU C 254 -20.61 4.60 9.25
CA LEU C 254 -21.86 5.27 9.55
C LEU C 254 -22.64 4.56 10.64
N THR C 255 -22.66 3.23 10.61
CA THR C 255 -23.42 2.48 11.61
C THR C 255 -22.85 2.65 13.01
N THR C 256 -21.52 2.72 13.11
CA THR C 256 -20.89 2.80 14.43
C THR C 256 -21.21 4.11 15.13
N PHE C 257 -21.11 5.23 14.41
CA PHE C 257 -21.28 6.55 15.01
C PHE C 257 -22.65 7.16 14.73
N GLY C 258 -23.20 6.96 13.54
CA GLY C 258 -24.51 7.45 13.23
C GLY C 258 -24.54 8.81 12.55
N SER C 259 -24.07 9.84 13.25
CA SER C 259 -24.18 11.21 12.78
C SER C 259 -22.80 11.80 12.53
N LEU C 260 -22.74 12.75 11.59
CA LEU C 260 -21.48 13.43 11.32
C LEU C 260 -21.00 14.23 12.52
N GLU C 261 -21.93 14.70 13.36
CA GLU C 261 -21.53 15.36 14.60
C GLU C 261 -20.79 14.39 15.51
N GLN C 262 -21.27 13.15 15.60
CA GLN C 262 -20.57 12.15 16.39
C GLN C 262 -19.19 11.84 15.81
N LEU C 263 -19.09 11.75 14.48
CA LEU C 263 -17.80 11.52 13.85
C LEU C 263 -16.83 12.65 14.14
N ILE C 264 -17.32 13.90 14.10
CA ILE C 264 -16.47 15.05 14.42
C ILE C 264 -16.03 14.98 15.88
N ALA C 265 -16.94 14.67 16.79
CA ALA C 265 -16.64 14.71 18.21
C ALA C 265 -15.62 13.66 18.61
N ALA C 266 -15.58 12.54 17.91
CA ALA C 266 -14.67 11.45 18.29
C ALA C 266 -13.22 11.86 18.11
N SER C 267 -12.36 11.38 18.99
CA SER C 267 -10.94 11.70 18.97
C SER C 267 -10.23 10.83 17.92
N ARG C 268 -8.90 10.80 17.96
CA ARG C 268 -8.16 10.01 16.99
C ARG C 268 -8.19 8.52 17.33
N GLU C 269 -8.10 8.17 18.62
CA GLU C 269 -7.97 6.76 18.98
C GLU C 269 -9.26 5.99 18.69
N ASP C 270 -10.41 6.52 19.12
CA ASP C 270 -11.66 5.80 18.93
C ASP C 270 -12.02 5.63 17.46
N LEU C 271 -11.46 6.46 16.58
CA LEU C 271 -11.55 6.16 15.16
C LEU C 271 -10.82 4.87 14.82
N ALA C 272 -9.62 4.68 15.40
CA ALA C 272 -8.89 3.45 15.18
C ALA C 272 -9.59 2.26 15.81
N LEU C 273 -10.16 2.46 17.00
CA LEU C 273 -10.87 1.39 17.70
C LEU C 273 -12.11 0.92 16.95
N CYS C 274 -12.64 1.73 16.04
CA CYS C 274 -13.77 1.30 15.24
C CYS C 274 -13.35 0.13 14.35
N PRO C 275 -14.13 -0.94 14.27
CA PRO C 275 -13.74 -2.09 13.44
C PRO C 275 -13.70 -1.71 11.96
N GLY C 276 -12.79 -2.37 11.24
CA GLY C 276 -12.74 -2.24 9.79
C GLY C 276 -11.97 -1.05 9.25
N LEU C 277 -11.45 -0.19 10.12
CA LEU C 277 -10.63 0.95 9.70
C LEU C 277 -9.14 0.66 9.74
N GLY C 278 -8.63 0.19 10.87
CA GLY C 278 -7.21 0.04 11.05
C GLY C 278 -6.59 1.36 11.42
N PRO C 279 -5.28 1.37 11.66
CA PRO C 279 -4.63 2.61 12.09
C PRO C 279 -4.51 3.63 10.98
N GLN C 280 -4.07 3.20 9.80
CA GLN C 280 -3.69 4.14 8.75
C GLN C 280 -4.92 4.83 8.16
N LYS C 281 -5.97 4.07 7.86
CA LYS C 281 -7.17 4.66 7.29
C LYS C 281 -7.84 5.61 8.29
N ALA C 282 -7.89 5.22 9.56
CA ALA C 282 -8.47 6.08 10.58
C ALA C 282 -7.66 7.35 10.74
N ARG C 283 -6.33 7.25 10.72
CA ARG C 283 -5.49 8.43 10.84
C ARG C 283 -5.69 9.36 9.66
N ARG C 284 -5.77 8.80 8.44
CA ARG C 284 -6.00 9.63 7.27
C ARG C 284 -7.35 10.33 7.34
N LEU C 285 -8.39 9.61 7.75
CA LEU C 285 -9.71 10.22 7.88
C LEU C 285 -9.70 11.32 8.93
N PHE C 286 -9.07 11.08 10.07
CA PHE C 286 -9.00 12.07 11.13
C PHE C 286 -8.26 13.33 10.68
N ASP C 287 -7.16 13.15 9.95
CA ASP C 287 -6.45 14.30 9.40
C ASP C 287 -7.33 15.07 8.42
N VAL C 288 -8.04 14.36 7.54
CA VAL C 288 -8.97 15.01 6.64
C VAL C 288 -10.15 15.61 7.40
N LEU C 289 -10.59 14.93 8.47
CA LEU C 289 -11.79 15.35 9.19
C LEU C 289 -11.67 16.76 9.75
N HIS C 290 -10.45 17.22 10.00
CA HIS C 290 -10.23 18.62 10.36
C HIS C 290 -8.76 18.95 10.14
N GLU C 291 -8.49 19.79 9.15
CA GLU C 291 -7.16 20.25 8.83
C GLU C 291 -7.23 21.72 8.46
N PRO C 292 -6.32 22.54 8.98
CA PRO C 292 -6.35 23.97 8.65
C PRO C 292 -5.89 24.23 7.23
N PHE C 293 -6.80 24.10 6.27
CA PHE C 293 -6.48 24.40 4.87
C PHE C 293 -6.04 25.85 4.67
N LEU C 294 -6.45 26.75 5.55
CA LEU C 294 -6.11 28.16 5.37
C LEU C 294 -4.63 28.44 5.61
N LYS C 295 -4.00 27.68 6.51
CA LYS C 295 -2.58 27.90 6.79
C LYS C 295 -1.73 27.63 5.55
N VAL C 296 -2.00 26.55 4.85
CA VAL C 296 -1.26 26.22 3.64
C VAL C 296 -2.13 26.47 2.42
N LYS D 242 15.33 -27.79 26.23
CA LYS D 242 16.02 -26.97 25.24
C LYS D 242 15.50 -27.25 23.83
N GLN D 243 14.30 -27.85 23.75
CA GLN D 243 13.67 -28.14 22.46
C GLN D 243 12.94 -26.88 21.97
N SER D 244 13.73 -25.88 21.61
CA SER D 244 13.21 -24.61 21.11
C SER D 244 13.16 -24.60 19.59
N PHE D 245 12.53 -25.62 19.01
CA PHE D 245 12.72 -25.91 17.59
C PHE D 245 12.22 -24.81 16.67
N LEU D 246 11.41 -23.87 17.18
CA LEU D 246 11.02 -22.74 16.33
C LEU D 246 12.22 -21.84 16.01
N TRP D 247 13.21 -21.78 16.89
CA TRP D 247 14.31 -20.85 16.70
C TRP D 247 15.39 -21.43 15.78
N GLU D 248 15.99 -22.56 16.15
CA GLU D 248 16.98 -23.16 15.26
C GLU D 248 16.36 -23.69 13.98
N GLY D 249 15.04 -23.87 13.95
CA GLY D 249 14.38 -24.19 12.70
C GLY D 249 14.44 -23.06 11.70
N SER D 250 14.67 -21.84 12.18
CA SER D 250 14.82 -20.70 11.28
C SER D 250 16.11 -20.78 10.47
N ALA D 251 17.14 -21.41 11.03
CA ALA D 251 18.41 -21.54 10.32
C ALA D 251 18.30 -22.45 9.11
N LEU D 252 17.25 -23.26 9.02
CA LEU D 252 16.97 -24.12 7.88
C LEU D 252 18.08 -25.14 7.62
N THR D 253 18.90 -25.43 8.63
CA THR D 253 20.01 -26.36 8.50
C THR D 253 19.68 -27.77 8.95
N GLY D 254 18.48 -27.99 9.50
CA GLY D 254 18.09 -29.32 9.94
C GLY D 254 17.42 -30.12 8.84
N ALA D 255 17.17 -31.40 9.15
CA ALA D 255 16.48 -32.27 8.22
C ALA D 255 15.07 -31.74 7.95
N TRP D 256 14.23 -31.73 9.00
CA TRP D 256 12.96 -31.03 8.98
C TRP D 256 12.06 -31.50 7.83
N ALA D 257 11.61 -32.74 7.96
CA ALA D 257 10.72 -33.34 6.98
C ALA D 257 9.47 -32.49 6.79
N MET D 258 8.71 -32.82 5.74
CA MET D 258 7.62 -31.95 5.30
C MET D 258 6.58 -31.75 6.39
N GLU D 259 6.22 -32.82 7.11
CA GLU D 259 5.21 -32.70 8.16
C GLU D 259 5.68 -31.81 9.31
N ASP D 260 6.99 -31.64 9.49
CA ASP D 260 7.48 -30.77 10.55
C ASP D 260 7.12 -29.31 10.27
N PHE D 261 6.97 -28.93 9.01
CA PHE D 261 6.54 -27.59 8.63
C PHE D 261 5.03 -27.40 8.72
N TYR D 262 4.31 -28.30 9.38
CA TYR D 262 2.86 -28.22 9.49
C TYR D 262 2.44 -28.45 10.94
N THR D 263 1.29 -27.86 11.29
CA THR D 263 0.73 -28.00 12.62
C THR D 263 -0.41 -29.00 12.58
N ALA D 264 -0.41 -29.93 13.55
CA ALA D 264 -1.39 -31.01 13.54
C ALA D 264 -2.81 -30.49 13.69
N ARG D 265 -3.02 -29.51 14.57
CA ARG D 265 -4.37 -28.99 14.81
C ARG D 265 -4.93 -28.21 13.65
N LEU D 266 -4.12 -27.88 12.65
CA LEU D 266 -4.54 -27.04 11.54
C LEU D 266 -5.05 -27.84 10.34
N VAL D 267 -5.19 -29.17 10.49
CA VAL D 267 -5.61 -30.00 9.35
C VAL D 267 -6.99 -29.61 8.82
N PRO D 268 -8.02 -29.42 9.65
CA PRO D 268 -9.30 -29.05 9.04
C PRO D 268 -9.33 -27.62 8.51
#